data_6Y5E
#
_entry.id   6Y5E
#
loop_
_entity.id
_entity.type
_entity.pdbx_description
1 polymer 'Histone H3.2'
2 polymer 'Histone H4'
3 polymer 'Histone H2A type 2-C'
4 polymer 'Histone H2B type 1-K'
5 polymer 'Histone H4'
6 polymer 'Histone H2A type 2-C'
7 polymer 'Histone H2B type 1-K'
8 polymer 'DNA (153-MER)'
9 polymer 'DNA (153-MER)'
10 polymer 'Cyclic GMP-AMP synthase'
11 non-polymer PENTANEDIAL
12 non-polymer 'ZINC ION'
#
loop_
_entity_poly.entity_id
_entity_poly.type
_entity_poly.pdbx_seq_one_letter_code
_entity_poly.pdbx_strand_id
1 'polypeptide(L)'
;PHRYRPGTVALREIRRYQKSTELLIRKLPFQRLVREIAQDFKTDLRFQSSAVMALQEASEAYLVGLFEDTNLAAIHAKRV
TIMPKDIQLARRIRGE
;
A,E
2 'polypeptide(L)'
;LRDNIQGITKPAIRRLARRGGVKRISGLIYEETRGVLKVFLENVIRDAVTYTEHAKRKTVTAMDVVYALKRQGRTLYGFG
G
;
B
3 'polypeptide(L)'
;RAKAKSRSSRAGLQFPVGRVHRLLRKGNYAERVGAGAPVYMAAVLEYLTAEILELAGNAARDNKKTRIIPRHLQLAIRND
EELNKLLGKVTIAQGGVLPNIQAVLLP
;
C
4 'polypeptide(L)'
;SRKESYSVYVYKVLKQVHPDTGISSKAMGIMNSFVNDIFERIAGEASRLAHYNKRSTITSREIQTAVRLLLPGELAKHAV
SEGTKAVTKYTSA
;
D
5 'polypeptide(L)'
;KVLRDNIQGITKPAIRRLARRGGVKRISGLIYEETRGVLKVFLENVIRDAVTYTEHAKRKTVTAMDVVYALKRQGRTLYG
FGG
;
F
6 'polypeptide(L)'
;RAKAKSRSSRAGLQFPVGRVHRLLRKGNYAERVGAGAPVYMAAVLEYLTAEILELAGNAARDNKKTRIIPRHLQLAIRND
EELNKLLGKVTIAQGGVLPNIQAVLLPK
;
G
7 'polypeptide(L)'
;RSRKESYSVYVYKVLKQVHPDTGISSKAMGIMNSFVNDIFERIAGEASRLAHYNKRSTITSREIQTAVRLLLPGELAKHA
VSEGTKAVTKYTSA
;
H
8 'polydeoxyribonucleotide'
;(DA)(DT)(DC)(DC)(DT)(DG)(DG)(DA)(DG)(DA)(DA)(DT)(DC)(DC)(DC)(DG)(DG)(DT)(DG)(DC)
(DC)(DG)(DA)(DG)(DG)(DC)(DC)(DG)(DC)(DT)(DC)(DA)(DA)(DT)(DT)(DG)(DG)(DT)(DC)(DG)
(DT)(DA)(DG)(DA)(DC)(DA)(DG)(DC)(DT)(DC)(DT)(DA)(DG)(DC)(DA)(DC)(DC)(DG)(DC)(DT)
(DT)(DA)(DA)(DA)(DC)(DG)(DC)(DA)(DC)(DG)(DT)(DA)(DC)(DG)(DC)(DG)(DC)(DT)(DG)(DT)
(DC)(DC)(DC)(DC)(DC)(DG)(DC)(DG)(DT)(DT)(DT)(DT)(DA)(DA)(DC)(DC)(DG)(DC)(DC)(DA)
(DA)(DG)(DG)(DG)(DG)(DA)(DT)(DT)(DA)(DC)(DT)(DC)(DC)(DC)(DT)(DA)(DG)(DT)(DC)(DT)
(DC)(DC)(DA)(DG)(DG)(DC)(DA)(DC)(DG)(DT)(DG)(DT)(DC)(DA)(DG)(DA)(DT)(DA)(DT)(DA)
(DT)(DA)(DC)(DA)(DT)(DC)(DC)(DT)(DG)(DT)(DG)(DA)(DT)
;
I
9 'polydeoxyribonucleotide'
;(DA)(DT)(DC)(DA)(DC)(DA)(DG)(DG)(DA)(DT)(DG)(DT)(DA)(DT)(DA)(DT)(DA)(DT)(DC)(DT)
(DG)(DA)(DC)(DA)(DC)(DG)(DT)(DG)(DC)(DC)(DT)(DG)(DG)(DA)(DG)(DA)(DC)(DT)(DA)(DG)
(DG)(DG)(DA)(DG)(DT)(DA)(DA)(DT)(DC)(DC)(DC)(DC)(DT)(DT)(DG)(DG)(DC)(DG)(DG)(DT)
(DT)(DA)(DA)(DA)(DA)(DC)(DG)(DC)(DG)(DG)(DG)(DG)(DG)(DA)(DC)(DA)(DG)(DC)(DG)(DC)
(DG)(DT)(DA)(DC)(DG)(DT)(DG)(DC)(DG)(DT)(DT)(DT)(DA)(DA)(DG)(DC)(DG)(DG)(DT)(DG)
(DC)(DT)(DA)(DG)(DA)(DG)(DC)(DT)(DG)(DT)(DC)(DT)(DA)(DC)(DG)(DA)(DC)(DC)(DA)(DA)
(DT)(DT)(DG)(DA)(DG)(DC)(DG)(DG)(DC)(DC)(DT)(DC)(DG)(DG)(DC)(DA)(DC)(DC)(DG)(DG)
(DG)(DA)(DT)(DT)(DC)(DT)(DC)(DC)(DA)(DG)(DG)(DA)(DT)
;
J
10 'polypeptide(L)'
;GASKLRAVLEKLKLSRDDISTAAGMVKGVVDHLLLRLKCDSAFRGVGLLNTGSYYEHVKISAPNEFDVMFKLEVPRIQLE
EYSNTRAYYFVKFKRNPKENPLSQFLEGEILSASKMLSKFRKIIKEEINDIKDTDVIMKRKRGGSPAVTLLISEKISVDI
TLALESKSSWPASTQEGLRIQNWLSAKVRKQLRLKPFYLVPKHAKEGNGFQEETWRLSFSHIEKEILNNHGKSETCCENK
EEKCCRKDCLKLMKYLLEQLKERFKDKKHLDKFSSYHVKTAFFHVCTQNPQDSQWDRKDLGLCFDNCVTYFLQCLRTEKL
ENYFIPEFNLFSSNLIDKRSKEFLTKQIEYERNNEFPVFDEF
;
K
#
loop_
_chem_comp.id
_chem_comp.type
_chem_comp.name
_chem_comp.formula
DA DNA linking 2'-DEOXYADENOSINE-5'-MONOPHOSPHATE 'C10 H14 N5 O6 P'
DC DNA linking 2'-DEOXYCYTIDINE-5'-MONOPHOSPHATE 'C9 H14 N3 O7 P'
DG DNA linking 2'-DEOXYGUANOSINE-5'-MONOPHOSPHATE 'C10 H14 N5 O7 P'
DT DNA linking THYMIDINE-5'-MONOPHOSPHATE 'C10 H15 N2 O8 P'
PTD non-polymer PENTANEDIAL 'C5 H8 O2'
ZN non-polymer 'ZINC ION' 'Zn 2'
#
# COMPACT_ATOMS: atom_id res chain seq x y z
N PRO A 1 -14.27 -46.17 -3.63
CA PRO A 1 -13.84 -45.35 -4.75
C PRO A 1 -14.42 -43.95 -4.67
N HIS A 2 -14.13 -43.26 -3.58
CA HIS A 2 -14.57 -41.90 -3.40
C HIS A 2 -13.84 -40.96 -4.33
N ARG A 3 -14.55 -39.98 -4.88
CA ARG A 3 -13.94 -38.97 -5.73
C ARG A 3 -14.45 -37.59 -5.42
N TYR A 4 -13.60 -36.61 -5.64
CA TYR A 4 -14.07 -35.24 -5.69
C TYR A 4 -14.38 -34.88 -7.12
N ARG A 5 -15.35 -34.02 -7.33
CA ARG A 5 -15.74 -33.62 -8.66
C ARG A 5 -14.72 -32.65 -9.25
N PRO A 6 -14.62 -32.57 -10.57
CA PRO A 6 -13.81 -31.62 -11.29
C PRO A 6 -14.10 -30.21 -10.80
N GLY A 7 -13.04 -29.49 -10.44
CA GLY A 7 -13.15 -28.12 -9.99
C GLY A 7 -13.08 -28.01 -8.47
N THR A 8 -13.43 -29.08 -7.76
CA THR A 8 -13.39 -29.02 -6.31
C THR A 8 -11.96 -28.95 -5.82
N VAL A 9 -11.11 -29.79 -6.38
CA VAL A 9 -9.72 -29.79 -6.02
C VAL A 9 -9.04 -28.55 -6.56
N ALA A 10 -9.34 -28.21 -7.80
CA ALA A 10 -8.71 -27.04 -8.39
C ALA A 10 -8.94 -25.80 -7.55
N LEU A 11 -10.15 -25.60 -7.04
CA LEU A 11 -10.40 -24.44 -6.21
C LEU A 11 -9.61 -24.52 -4.92
N ARG A 12 -9.53 -25.72 -4.38
CA ARG A 12 -8.76 -25.94 -3.16
C ARG A 12 -7.31 -25.57 -3.34
N GLU A 13 -6.75 -25.99 -4.46
CA GLU A 13 -5.36 -25.68 -4.74
C GLU A 13 -5.15 -24.20 -4.92
N ILE A 14 -6.11 -23.52 -5.55
CA ILE A 14 -5.97 -22.09 -5.72
C ILE A 14 -5.84 -21.42 -4.37
N ARG A 15 -6.68 -21.80 -3.43
CA ARG A 15 -6.61 -21.19 -2.11
C ARG A 15 -5.24 -21.35 -1.52
N ARG A 16 -4.72 -22.56 -1.62
CA ARG A 16 -3.50 -22.89 -0.95
C ARG A 16 -2.28 -22.25 -1.57
N TYR A 17 -2.22 -22.25 -2.88
CA TYR A 17 -1.04 -21.72 -3.51
C TYR A 17 -1.02 -20.22 -3.39
N GLN A 18 -2.20 -19.60 -3.32
CA GLN A 18 -2.25 -18.17 -3.10
C GLN A 18 -1.71 -17.84 -1.72
N LYS A 19 -2.05 -18.69 -0.76
CA LYS A 19 -1.65 -18.51 0.62
C LYS A 19 -0.16 -18.65 0.88
N SER A 20 0.44 -19.70 0.34
CA SER A 20 1.82 -19.99 0.67
C SER A 20 2.78 -19.07 -0.08
N THR A 21 4.04 -19.06 0.32
CA THR A 21 5.01 -18.15 -0.28
C THR A 21 6.15 -18.84 -1.00
N GLU A 22 6.30 -20.14 -0.80
CA GLU A 22 7.45 -20.85 -1.33
C GLU A 22 7.46 -20.88 -2.85
N LEU A 23 8.64 -21.12 -3.38
CA LEU A 23 8.84 -21.28 -4.81
C LEU A 23 8.14 -22.54 -5.31
N LEU A 24 7.52 -22.41 -6.47
CA LEU A 24 6.74 -23.51 -7.04
C LEU A 24 7.51 -24.25 -8.12
N ILE A 25 8.49 -23.58 -8.72
CA ILE A 25 9.33 -24.19 -9.74
C ILE A 25 10.51 -24.89 -9.08
N ARG A 26 10.77 -26.12 -9.48
CA ARG A 26 11.90 -26.86 -8.93
C ARG A 26 13.19 -26.15 -9.20
N LYS A 27 14.11 -26.23 -8.26
CA LYS A 27 15.30 -25.42 -8.35
C LYS A 27 16.34 -25.90 -9.32
N LEU A 28 16.78 -27.14 -9.22
CA LEU A 28 17.84 -27.53 -10.10
C LEU A 28 17.47 -27.36 -11.58
N PRO A 29 16.27 -27.74 -12.01
CA PRO A 29 15.73 -27.48 -13.33
C PRO A 29 15.80 -26.01 -13.70
N PHE A 30 15.27 -25.16 -12.82
CA PHE A 30 15.27 -23.73 -13.09
C PHE A 30 16.68 -23.21 -13.24
N GLN A 31 17.54 -23.61 -12.33
CA GLN A 31 18.90 -23.14 -12.30
C GLN A 31 19.59 -23.42 -13.61
N ARG A 32 19.36 -24.61 -14.14
CA ARG A 32 19.96 -24.97 -15.41
C ARG A 32 19.39 -24.16 -16.55
N LEU A 33 18.10 -23.88 -16.50
CA LEU A 33 17.51 -23.06 -17.54
C LEU A 33 18.18 -21.71 -17.60
N VAL A 34 18.47 -21.15 -16.44
CA VAL A 34 19.16 -19.86 -16.40
C VAL A 34 20.49 -19.97 -17.08
N ARG A 35 21.23 -21.01 -16.77
CA ARG A 35 22.55 -21.19 -17.32
C ARG A 35 22.54 -21.45 -18.81
N GLU A 36 21.61 -22.25 -19.30
CA GLU A 36 21.56 -22.52 -20.72
C GLU A 36 21.36 -21.22 -21.47
N ILE A 37 20.49 -20.38 -20.95
CA ILE A 37 20.26 -19.11 -21.57
C ILE A 37 21.52 -18.26 -21.49
N ALA A 38 22.14 -18.24 -20.33
CA ALA A 38 23.32 -17.42 -20.12
C ALA A 38 24.45 -17.77 -21.05
N GLN A 39 24.64 -19.05 -21.35
CA GLN A 39 25.78 -19.47 -22.15
C GLN A 39 25.63 -19.02 -23.60
N ASP A 40 24.44 -18.59 -23.98
CA ASP A 40 24.22 -18.13 -25.34
C ASP A 40 24.70 -16.71 -25.49
N PHE A 41 24.99 -16.06 -24.37
CA PHE A 41 25.50 -14.70 -24.39
C PHE A 41 26.99 -14.75 -24.16
N LYS A 42 27.42 -15.68 -23.31
CA LYS A 42 28.81 -15.75 -22.90
C LYS A 42 29.17 -17.11 -22.29
N THR A 43 30.32 -17.66 -22.68
CA THR A 43 30.79 -18.89 -22.08
C THR A 43 31.45 -18.65 -20.74
N ASP A 44 31.63 -19.73 -19.98
CA ASP A 44 32.37 -19.69 -18.73
C ASP A 44 31.84 -18.63 -17.76
N LEU A 45 30.52 -18.53 -17.67
CA LEU A 45 29.90 -17.58 -16.77
C LEU A 45 29.49 -18.28 -15.49
N ARG A 46 29.50 -17.56 -14.38
CA ARG A 46 29.11 -18.11 -13.09
C ARG A 46 28.02 -17.34 -12.40
N PHE A 47 27.34 -17.98 -11.47
CA PHE A 47 26.29 -17.33 -10.72
C PHE A 47 26.42 -17.57 -9.23
N GLN A 48 26.08 -16.56 -8.46
CA GLN A 48 25.92 -16.76 -7.03
C GLN A 48 24.60 -17.45 -6.80
N SER A 49 24.50 -18.23 -5.73
CA SER A 49 23.24 -18.91 -5.46
C SER A 49 22.13 -17.90 -5.22
N SER A 50 22.51 -16.73 -4.70
CA SER A 50 21.55 -15.68 -4.45
C SER A 50 21.08 -15.03 -5.75
N ALA A 51 21.90 -15.12 -6.79
CA ALA A 51 21.53 -14.56 -8.08
C ALA A 51 20.48 -15.44 -8.72
N VAL A 52 20.64 -16.73 -8.55
CA VAL A 52 19.71 -17.68 -9.12
C VAL A 52 18.37 -17.53 -8.45
N MET A 53 18.37 -17.42 -7.13
CA MET A 53 17.13 -17.23 -6.41
C MET A 53 16.46 -15.93 -6.80
N ALA A 54 17.24 -14.87 -6.96
CA ALA A 54 16.67 -13.59 -7.34
C ALA A 54 15.96 -13.71 -8.68
N LEU A 55 16.57 -14.46 -9.61
CA LEU A 55 15.93 -14.66 -10.90
C LEU A 55 14.68 -15.50 -10.74
N GLN A 56 14.74 -16.52 -9.92
CA GLN A 56 13.61 -17.41 -9.82
C GLN A 56 12.40 -16.72 -9.23
N GLU A 57 12.60 -15.92 -8.20
CA GLU A 57 11.48 -15.25 -7.59
C GLU A 57 10.85 -14.25 -8.53
N ALA A 58 11.69 -13.52 -9.26
CA ALA A 58 11.19 -12.57 -10.22
C ALA A 58 10.45 -13.27 -11.34
N SER A 59 10.94 -14.44 -11.73
CA SER A 59 10.35 -15.19 -12.82
C SER A 59 8.98 -15.71 -12.44
N GLU A 60 8.84 -16.21 -11.23
CA GLU A 60 7.55 -16.68 -10.81
C GLU A 60 6.58 -15.54 -10.65
N ALA A 61 7.06 -14.45 -10.07
CA ALA A 61 6.18 -13.32 -9.86
C ALA A 61 5.64 -12.83 -11.21
N TYR A 62 6.49 -12.86 -12.22
CA TYR A 62 6.06 -12.47 -13.54
C TYR A 62 4.97 -13.39 -14.05
N LEU A 63 5.20 -14.69 -13.97
CA LEU A 63 4.25 -15.64 -14.51
C LEU A 63 2.94 -15.62 -13.76
N VAL A 64 2.98 -15.43 -12.45
CA VAL A 64 1.75 -15.41 -11.70
C VAL A 64 0.92 -14.21 -12.12
N GLY A 65 1.57 -13.05 -12.25
CA GLY A 65 0.87 -11.86 -12.70
C GLY A 65 0.30 -12.07 -14.09
N LEU A 66 1.04 -12.77 -14.93
CA LEU A 66 0.57 -13.07 -16.27
C LEU A 66 -0.66 -13.94 -16.24
N PHE A 67 -0.66 -14.93 -15.37
CA PHE A 67 -1.79 -15.82 -15.26
C PHE A 67 -3.03 -15.10 -14.74
N GLU A 68 -2.84 -14.13 -13.84
CA GLU A 68 -3.98 -13.39 -13.33
C GLU A 68 -4.68 -12.63 -14.45
N ASP A 69 -3.90 -12.03 -15.34
CA ASP A 69 -4.47 -11.29 -16.46
C ASP A 69 -5.05 -12.24 -17.49
N THR A 70 -4.40 -13.38 -17.65
CA THR A 70 -4.86 -14.41 -18.55
C THR A 70 -6.23 -14.89 -18.11
N ASN A 71 -6.37 -15.09 -16.80
CA ASN A 71 -7.62 -15.56 -16.23
C ASN A 71 -8.74 -14.57 -16.49
N LEU A 72 -8.45 -13.28 -16.35
CA LEU A 72 -9.48 -12.27 -16.57
C LEU A 72 -9.93 -12.29 -18.01
N ALA A 73 -8.99 -12.47 -18.93
CA ALA A 73 -9.34 -12.52 -20.34
C ALA A 73 -10.26 -13.70 -20.64
N ALA A 74 -9.98 -14.84 -20.02
CA ALA A 74 -10.81 -16.02 -20.24
C ALA A 74 -12.21 -15.77 -19.73
N ILE A 75 -12.32 -15.08 -18.60
CA ILE A 75 -13.61 -14.77 -18.03
C ILE A 75 -14.37 -13.82 -18.94
N HIS A 76 -13.67 -12.84 -19.48
CA HIS A 76 -14.27 -11.89 -20.40
C HIS A 76 -14.90 -12.62 -21.58
N ALA A 77 -14.23 -13.69 -22.03
CA ALA A 77 -14.71 -14.50 -23.14
C ALA A 77 -15.74 -15.51 -22.68
N LYS A 78 -16.10 -15.44 -21.40
CA LYS A 78 -17.07 -16.33 -20.77
C LYS A 78 -16.59 -17.76 -20.67
N ARG A 79 -15.31 -17.93 -20.36
CA ARG A 79 -14.74 -19.24 -20.23
C ARG A 79 -14.04 -19.41 -18.90
N VAL A 80 -13.86 -20.65 -18.50
CA VAL A 80 -13.12 -20.97 -17.30
C VAL A 80 -11.71 -21.39 -17.68
N THR A 81 -11.61 -22.12 -18.79
CA THR A 81 -10.33 -22.64 -19.23
C THR A 81 -9.51 -21.54 -19.88
N ILE A 82 -8.25 -21.42 -19.49
CA ILE A 82 -7.39 -20.45 -20.14
C ILE A 82 -6.74 -21.06 -21.37
N MET A 83 -6.72 -20.31 -22.45
CA MET A 83 -6.15 -20.75 -23.70
C MET A 83 -4.98 -19.84 -24.08
N PRO A 84 -4.08 -20.27 -24.98
CA PRO A 84 -2.93 -19.53 -25.42
C PRO A 84 -3.25 -18.10 -25.82
N LYS A 85 -4.45 -17.91 -26.34
CA LYS A 85 -4.92 -16.61 -26.76
C LYS A 85 -5.06 -15.65 -25.61
N ASP A 86 -5.40 -16.17 -24.45
CA ASP A 86 -5.70 -15.35 -23.30
C ASP A 86 -4.38 -14.84 -22.78
N ILE A 87 -3.35 -15.66 -22.93
CA ILE A 87 -2.01 -15.23 -22.57
C ILE A 87 -1.54 -14.16 -23.53
N GLN A 88 -1.74 -14.41 -24.82
CA GLN A 88 -1.27 -13.50 -25.85
C GLN A 88 -1.95 -12.14 -25.77
N LEU A 89 -3.24 -12.14 -25.50
CA LEU A 89 -3.96 -10.89 -25.38
C LEU A 89 -3.45 -10.08 -24.21
N ALA A 90 -3.29 -10.74 -23.07
CA ALA A 90 -2.87 -10.03 -21.88
C ALA A 90 -1.51 -9.39 -22.09
N ARG A 91 -0.60 -10.12 -22.73
CA ARG A 91 0.73 -9.59 -22.92
C ARG A 91 0.71 -8.38 -23.81
N ARG A 92 -0.06 -8.48 -24.87
CA ARG A 92 -0.14 -7.40 -25.81
C ARG A 92 -0.66 -6.12 -25.20
N ILE A 93 -1.73 -6.24 -24.43
CA ILE A 93 -2.33 -5.08 -23.80
C ILE A 93 -1.32 -4.41 -22.88
N ARG A 94 -0.49 -5.23 -22.26
CA ARG A 94 0.54 -4.74 -21.36
C ARG A 94 1.72 -4.08 -22.08
N GLY A 95 1.75 -4.15 -23.40
CA GLY A 95 2.81 -3.51 -24.14
C GLY A 95 3.93 -4.45 -24.58
N GLU A 96 3.70 -5.76 -24.53
CA GLU A 96 4.71 -6.70 -24.96
C GLU A 96 4.43 -7.19 -26.38
N LEU B 1 24.94 -27.51 -21.98
CA LEU B 1 23.54 -27.47 -21.57
C LEU B 1 22.62 -27.33 -22.77
N ARG B 2 21.44 -27.92 -22.67
CA ARG B 2 20.47 -27.85 -23.76
C ARG B 2 19.03 -27.93 -23.26
N ASP B 3 18.10 -27.36 -24.02
CA ASP B 3 16.68 -27.63 -23.85
C ASP B 3 16.30 -27.84 -22.39
N ASN B 4 16.69 -26.92 -21.52
CA ASN B 4 16.37 -27.05 -20.12
C ASN B 4 15.04 -26.42 -19.82
N ILE B 5 14.40 -25.92 -20.87
CA ILE B 5 13.07 -25.37 -20.75
C ILE B 5 12.11 -26.47 -20.39
N GLN B 6 12.48 -27.71 -20.71
CA GLN B 6 11.65 -28.85 -20.38
C GLN B 6 11.79 -29.22 -18.92
N GLY B 7 12.72 -28.56 -18.25
CA GLY B 7 12.92 -28.75 -16.82
C GLY B 7 11.83 -28.02 -16.05
N ILE B 8 11.09 -27.17 -16.74
CA ILE B 8 9.98 -26.51 -16.10
C ILE B 8 8.81 -27.44 -16.26
N THR B 9 8.49 -28.12 -15.18
CA THR B 9 7.60 -29.24 -15.26
C THR B 9 6.18 -28.75 -15.44
N LYS B 10 5.34 -29.63 -15.89
CA LYS B 10 3.96 -29.30 -16.07
C LYS B 10 3.26 -28.85 -14.79
N PRO B 11 3.33 -29.62 -13.70
CA PRO B 11 2.83 -29.23 -12.40
C PRO B 11 3.36 -27.87 -11.98
N ALA B 12 4.64 -27.61 -12.27
CA ALA B 12 5.18 -26.32 -11.87
C ALA B 12 4.42 -25.20 -12.53
N ILE B 13 4.06 -25.39 -13.78
CA ILE B 13 3.30 -24.39 -14.50
C ILE B 13 1.91 -24.25 -13.92
N ARG B 14 1.28 -25.38 -13.65
CA ARG B 14 -0.07 -25.34 -13.12
C ARG B 14 -0.14 -24.67 -11.79
N ARG B 15 0.82 -24.94 -10.94
CA ARG B 15 0.81 -24.38 -9.62
C ARG B 15 0.90 -22.86 -9.69
N LEU B 16 1.72 -22.37 -10.60
CA LEU B 16 1.80 -20.93 -10.80
C LEU B 16 0.47 -20.41 -11.29
N ALA B 17 -0.15 -21.15 -12.19
CA ALA B 17 -1.43 -20.73 -12.72
C ALA B 17 -2.48 -20.67 -11.63
N ARG B 18 -2.47 -21.64 -10.74
CA ARG B 18 -3.42 -21.70 -9.65
C ARG B 18 -3.28 -20.53 -8.73
N ARG B 19 -2.05 -20.20 -8.44
CA ARG B 19 -1.80 -19.07 -7.57
C ARG B 19 -2.35 -17.80 -8.18
N GLY B 20 -2.38 -17.75 -9.51
CA GLY B 20 -2.94 -16.61 -10.23
C GLY B 20 -4.45 -16.67 -10.30
N GLY B 21 -5.04 -17.72 -9.74
CA GLY B 21 -6.49 -17.89 -9.71
C GLY B 21 -7.02 -18.68 -10.89
N VAL B 22 -6.14 -19.34 -11.64
CA VAL B 22 -6.57 -20.12 -12.78
C VAL B 22 -7.09 -21.47 -12.34
N LYS B 23 -8.31 -21.77 -12.77
CA LYS B 23 -8.98 -22.99 -12.39
C LYS B 23 -8.78 -24.11 -13.40
N ARG B 24 -8.80 -23.77 -14.68
CA ARG B 24 -8.62 -24.76 -15.73
C ARG B 24 -7.61 -24.33 -16.75
N ILE B 25 -6.77 -25.26 -17.16
CA ILE B 25 -5.68 -24.95 -18.04
C ILE B 25 -5.75 -25.75 -19.34
N SER B 26 -5.78 -25.06 -20.47
CA SER B 26 -5.76 -25.73 -21.75
C SER B 26 -4.46 -26.47 -21.96
N GLY B 27 -4.51 -27.56 -22.71
CA GLY B 27 -3.37 -28.43 -22.90
C GLY B 27 -2.26 -27.78 -23.70
N LEU B 28 -2.56 -26.67 -24.35
CA LEU B 28 -1.56 -25.99 -25.16
C LEU B 28 -0.87 -24.87 -24.38
N ILE B 29 -1.30 -24.66 -23.15
CA ILE B 29 -0.74 -23.62 -22.31
C ILE B 29 0.70 -23.89 -21.98
N TYR B 30 1.03 -25.12 -21.71
CA TYR B 30 2.34 -25.42 -21.20
C TYR B 30 3.44 -24.94 -22.14
N GLU B 31 3.27 -25.17 -23.43
CA GLU B 31 4.26 -24.70 -24.38
C GLU B 31 4.23 -23.19 -24.52
N GLU B 32 3.03 -22.62 -24.53
CA GLU B 32 2.91 -21.19 -24.68
C GLU B 32 3.54 -20.47 -23.50
N THR B 33 3.36 -21.05 -22.32
CA THR B 33 3.89 -20.47 -21.09
C THR B 33 5.40 -20.42 -21.14
N ARG B 34 6.00 -21.51 -21.57
CA ARG B 34 7.44 -21.59 -21.66
C ARG B 34 7.99 -20.55 -22.61
N GLY B 35 7.29 -20.35 -23.71
CA GLY B 35 7.73 -19.39 -24.71
C GLY B 35 7.73 -17.96 -24.17
N VAL B 36 7.06 -17.74 -23.04
CA VAL B 36 7.02 -16.44 -22.44
C VAL B 36 8.08 -16.33 -21.35
N LEU B 37 8.17 -17.36 -20.54
CA LEU B 37 9.15 -17.38 -19.47
C LEU B 37 10.54 -17.23 -20.02
N LYS B 38 10.82 -17.91 -21.11
CA LYS B 38 12.13 -17.89 -21.69
C LYS B 38 12.51 -16.50 -22.14
N VAL B 39 11.58 -15.82 -22.79
CA VAL B 39 11.85 -14.47 -23.25
C VAL B 39 12.13 -13.56 -22.08
N PHE B 40 11.34 -13.70 -21.02
CA PHE B 40 11.55 -12.93 -19.82
C PHE B 40 12.96 -13.15 -19.31
N LEU B 41 13.36 -14.41 -19.19
CA LEU B 41 14.68 -14.71 -18.68
C LEU B 41 15.78 -14.20 -19.59
N GLU B 42 15.60 -14.28 -20.90
CA GLU B 42 16.66 -13.80 -21.78
C GLU B 42 16.92 -12.32 -21.57
N ASN B 43 15.86 -11.55 -21.42
CA ASN B 43 16.04 -10.12 -21.25
C ASN B 43 16.66 -9.78 -19.91
N VAL B 44 16.26 -10.48 -18.86
CA VAL B 44 16.78 -10.18 -17.55
C VAL B 44 18.21 -10.67 -17.39
N ILE B 45 18.46 -11.89 -17.84
CA ILE B 45 19.78 -12.46 -17.72
C ILE B 45 20.77 -11.66 -18.50
N ARG B 46 20.41 -11.29 -19.72
CA ARG B 46 21.34 -10.55 -20.54
C ARG B 46 21.76 -9.24 -19.91
N ASP B 47 20.81 -8.52 -19.32
CA ASP B 47 21.18 -7.28 -18.66
C ASP B 47 22.11 -7.58 -17.49
N ALA B 48 21.81 -8.65 -16.75
CA ALA B 48 22.66 -9.02 -15.63
C ALA B 48 24.06 -9.34 -16.10
N VAL B 49 24.16 -10.00 -17.25
CA VAL B 49 25.46 -10.30 -17.82
C VAL B 49 26.16 -9.03 -18.23
N THR B 50 25.43 -8.13 -18.85
CA THR B 50 26.00 -6.88 -19.31
C THR B 50 26.61 -6.11 -18.14
N TYR B 51 25.91 -6.05 -17.03
CA TYR B 51 26.44 -5.38 -15.85
C TYR B 51 27.66 -6.11 -15.32
N THR B 52 27.58 -7.43 -15.31
CA THR B 52 28.65 -8.26 -14.78
C THR B 52 29.92 -8.06 -15.59
N GLU B 53 29.79 -8.09 -16.91
CA GLU B 53 30.93 -7.91 -17.79
C GLU B 53 31.51 -6.52 -17.69
N HIS B 54 30.65 -5.52 -17.62
CA HIS B 54 31.12 -4.15 -17.49
C HIS B 54 32.08 -4.01 -16.33
N ALA B 55 31.69 -4.64 -15.22
CA ALA B 55 32.45 -4.60 -13.98
C ALA B 55 33.66 -5.51 -14.03
N LYS B 56 33.85 -6.18 -15.16
CA LYS B 56 34.95 -7.10 -15.37
C LYS B 56 34.89 -8.29 -14.44
N ARG B 57 33.70 -8.78 -14.20
CA ARG B 57 33.53 -9.96 -13.41
C ARG B 57 32.99 -11.09 -14.23
N LYS B 58 33.04 -12.27 -13.64
CA LYS B 58 32.57 -13.48 -14.28
C LYS B 58 31.40 -14.05 -13.50
N THR B 59 31.40 -13.79 -12.21
CA THR B 59 30.30 -14.24 -11.38
C THR B 59 29.21 -13.21 -11.38
N VAL B 60 28.00 -13.63 -11.68
CA VAL B 60 26.85 -12.75 -11.64
C VAL B 60 26.34 -12.70 -10.21
N THR B 61 26.19 -11.50 -9.69
CA THR B 61 25.77 -11.38 -8.32
C THR B 61 24.30 -11.02 -8.25
N ALA B 62 23.73 -11.12 -7.06
CA ALA B 62 22.33 -10.77 -6.91
C ALA B 62 22.11 -9.33 -7.32
N MET B 63 23.09 -8.48 -7.06
CA MET B 63 22.96 -7.07 -7.37
C MET B 63 22.90 -6.81 -8.86
N ASP B 64 23.45 -7.72 -9.66
CA ASP B 64 23.46 -7.54 -11.09
C ASP B 64 22.11 -7.97 -11.62
N VAL B 65 21.52 -8.95 -10.96
CA VAL B 65 20.19 -9.40 -11.30
C VAL B 65 19.18 -8.34 -10.89
N VAL B 66 19.35 -7.78 -9.71
CA VAL B 66 18.44 -6.76 -9.24
C VAL B 66 18.43 -5.56 -10.15
N TYR B 67 19.61 -5.10 -10.56
CA TYR B 67 19.69 -3.98 -11.48
C TYR B 67 19.01 -4.32 -12.80
N ALA B 68 19.24 -5.55 -13.27
CA ALA B 68 18.64 -5.98 -14.52
C ALA B 68 17.13 -5.97 -14.44
N LEU B 69 16.59 -6.43 -13.34
CA LEU B 69 15.14 -6.46 -13.18
C LEU B 69 14.58 -5.07 -13.02
N LYS B 70 15.27 -4.27 -12.23
CA LYS B 70 14.80 -2.94 -11.85
C LYS B 70 14.37 -2.11 -13.02
N ARG B 71 15.24 -2.03 -13.99
CA ARG B 71 15.05 -1.12 -15.10
C ARG B 71 13.92 -1.52 -16.02
N GLN B 72 13.38 -2.70 -15.82
CA GLN B 72 12.30 -3.16 -16.64
C GLN B 72 10.97 -2.87 -15.96
N GLY B 73 11.02 -2.02 -14.94
CA GLY B 73 9.83 -1.65 -14.18
C GLY B 73 9.55 -2.68 -13.12
N ARG B 74 10.61 -3.21 -12.53
CA ARG B 74 10.45 -4.29 -11.58
C ARG B 74 11.46 -4.26 -10.46
N THR B 75 11.26 -3.43 -9.47
CA THR B 75 12.17 -3.51 -8.35
C THR B 75 11.86 -4.76 -7.55
N LEU B 76 12.91 -5.45 -7.18
CA LEU B 76 12.79 -6.65 -6.36
C LEU B 76 13.39 -6.37 -5.01
N TYR B 77 12.64 -6.64 -3.95
CA TYR B 77 13.12 -6.40 -2.62
C TYR B 77 13.51 -7.70 -1.94
N GLY B 78 14.56 -7.65 -1.12
CA GLY B 78 14.95 -8.80 -0.33
C GLY B 78 16.31 -9.37 -0.73
N PHE B 79 16.90 -8.83 -1.78
CA PHE B 79 18.21 -9.26 -2.22
C PHE B 79 19.14 -8.07 -2.34
N GLY B 80 19.35 -7.37 -1.24
CA GLY B 80 20.08 -6.11 -1.28
C GLY B 80 19.21 -5.05 -1.94
N GLY B 81 19.84 -3.97 -2.37
CA GLY B 81 19.12 -2.86 -2.97
C GLY B 81 19.45 -1.56 -2.26
N ARG C 1 50.82 29.65 -30.77
CA ARG C 1 49.40 29.54 -30.54
C ARG C 1 48.72 28.74 -31.64
N ALA C 2 48.35 27.51 -31.33
CA ALA C 2 47.65 26.67 -32.29
C ALA C 2 46.29 27.24 -32.59
N LYS C 3 45.83 27.04 -33.82
CA LYS C 3 44.51 27.48 -34.21
C LYS C 3 43.43 26.66 -33.55
N ALA C 4 42.35 27.32 -33.13
CA ALA C 4 41.23 26.62 -32.55
C ALA C 4 40.64 25.67 -33.57
N LYS C 5 40.26 24.48 -33.14
CA LYS C 5 39.69 23.52 -34.07
C LYS C 5 38.58 22.71 -33.44
N SER C 6 37.45 22.65 -34.13
CA SER C 6 36.31 21.93 -33.62
C SER C 6 36.65 20.46 -33.41
N ARG C 7 36.24 19.95 -32.27
CA ARG C 7 36.43 18.54 -31.98
C ARG C 7 35.59 17.67 -32.88
N SER C 8 34.44 18.19 -33.26
CA SER C 8 33.56 17.44 -34.13
C SER C 8 34.31 17.07 -35.40
N SER C 9 35.17 17.97 -35.86
CA SER C 9 35.94 17.69 -37.05
C SER C 9 36.94 16.58 -36.80
N ARG C 10 37.60 16.63 -35.65
CA ARG C 10 38.59 15.61 -35.32
C ARG C 10 37.98 14.23 -35.30
N ALA C 11 36.79 14.13 -34.74
CA ALA C 11 36.13 12.84 -34.58
C ALA C 11 35.36 12.44 -35.83
N GLY C 12 35.29 13.32 -36.82
CA GLY C 12 34.54 13.07 -38.03
C GLY C 12 33.02 13.13 -37.80
N LEU C 13 32.60 13.91 -36.82
CA LEU C 13 31.21 14.01 -36.45
C LEU C 13 30.56 15.32 -36.87
N GLN C 14 29.24 15.32 -36.91
CA GLN C 14 28.49 16.54 -37.18
C GLN C 14 27.98 17.13 -35.88
N PHE C 15 27.65 16.26 -34.93
CA PHE C 15 27.21 16.71 -33.62
C PHE C 15 28.36 17.32 -32.86
N PRO C 16 28.10 18.31 -32.01
CA PRO C 16 29.08 19.01 -31.22
C PRO C 16 29.62 18.08 -30.18
N VAL C 17 30.89 18.22 -29.87
CA VAL C 17 31.50 17.38 -28.85
C VAL C 17 31.71 18.19 -27.58
N GLY C 18 32.23 19.39 -27.73
CA GLY C 18 32.53 20.22 -26.56
C GLY C 18 31.26 20.48 -25.76
N ARG C 19 30.16 20.67 -26.46
CA ARG C 19 28.90 20.90 -25.79
C ARG C 19 28.42 19.69 -25.04
N VAL C 20 28.55 18.53 -25.66
CA VAL C 20 28.13 17.31 -25.02
C VAL C 20 28.95 17.09 -23.77
N HIS C 21 30.25 17.39 -23.88
CA HIS C 21 31.14 17.24 -22.74
C HIS C 21 30.65 18.10 -21.61
N ARG C 22 30.28 19.32 -21.93
CA ARG C 22 29.74 20.22 -20.95
C ARG C 22 28.48 19.70 -20.31
N LEU C 23 27.57 19.21 -21.13
CA LEU C 23 26.32 18.74 -20.58
C LEU C 23 26.56 17.54 -19.68
N LEU C 24 27.45 16.66 -20.08
CA LEU C 24 27.72 15.46 -19.28
C LEU C 24 28.31 15.78 -17.93
N ARG C 25 29.21 16.76 -17.89
CA ARG C 25 29.89 17.07 -16.64
C ARG C 25 28.98 17.74 -15.65
N LYS C 26 27.85 18.21 -16.12
CA LYS C 26 26.90 18.81 -15.20
C LYS C 26 25.55 18.19 -15.46
N GLY C 27 24.49 18.74 -14.92
CA GLY C 27 23.23 18.03 -15.05
C GLY C 27 23.29 16.89 -14.04
N ASN C 28 24.36 16.93 -13.24
CA ASN C 28 24.60 15.99 -12.18
C ASN C 28 24.65 14.53 -12.59
N TYR C 29 25.53 14.20 -13.52
CA TYR C 29 25.68 12.80 -13.90
C TYR C 29 26.88 12.20 -13.19
N ALA C 30 27.90 12.99 -12.97
CA ALA C 30 29.09 12.50 -12.30
C ALA C 30 29.94 13.67 -11.87
N GLU C 31 30.86 13.41 -10.96
CA GLU C 31 31.84 14.42 -10.61
C GLU C 31 32.76 14.71 -11.78
N ARG C 32 33.07 13.68 -12.55
CA ARG C 32 34.03 13.84 -13.62
C ARG C 32 33.60 13.17 -14.91
N VAL C 33 33.99 13.76 -16.04
CA VAL C 33 33.73 13.15 -17.33
C VAL C 33 34.99 13.03 -18.15
N GLY C 34 35.26 11.81 -18.58
CA GLY C 34 36.47 11.50 -19.33
C GLY C 34 36.43 12.13 -20.72
N ALA C 35 37.61 12.34 -21.29
CA ALA C 35 37.75 13.00 -22.57
C ALA C 35 37.05 12.27 -23.70
N GLY C 36 37.02 10.95 -23.65
CA GLY C 36 36.44 10.17 -24.74
C GLY C 36 34.94 9.97 -24.59
N ALA C 37 34.38 10.36 -23.45
CA ALA C 37 32.96 10.09 -23.27
C ALA C 37 32.08 10.92 -24.18
N PRO C 38 32.29 12.24 -24.28
CA PRO C 38 31.54 13.16 -25.12
C PRO C 38 31.62 12.75 -26.57
N VAL C 39 32.77 12.21 -26.95
CA VAL C 39 32.99 11.81 -28.31
C VAL C 39 32.18 10.57 -28.62
N TYR C 40 32.24 9.60 -27.72
CA TYR C 40 31.51 8.37 -27.92
C TYR C 40 30.04 8.69 -28.03
N MET C 41 29.55 9.50 -27.10
CA MET C 41 28.14 9.86 -27.08
C MET C 41 27.71 10.64 -28.29
N ALA C 42 28.51 11.60 -28.73
CA ALA C 42 28.10 12.41 -29.86
C ALA C 42 27.89 11.52 -31.06
N ALA C 43 28.74 10.52 -31.23
CA ALA C 43 28.61 9.59 -32.34
C ALA C 43 27.32 8.80 -32.25
N VAL C 44 26.91 8.44 -31.04
CA VAL C 44 25.71 7.66 -30.86
C VAL C 44 24.47 8.46 -31.18
N LEU C 45 24.43 9.69 -30.70
CA LEU C 45 23.28 10.53 -30.94
C LEU C 45 23.16 10.79 -32.43
N GLU C 46 24.29 10.99 -33.08
CA GLU C 46 24.31 11.23 -34.51
C GLU C 46 23.83 10.03 -35.29
N TYR C 47 24.27 8.83 -34.89
CA TYR C 47 23.83 7.63 -35.57
C TYR C 47 22.33 7.48 -35.54
N LEU C 48 21.74 7.62 -34.36
CA LEU C 48 20.31 7.45 -34.22
C LEU C 48 19.56 8.53 -34.97
N THR C 49 20.11 9.74 -34.94
CA THR C 49 19.50 10.85 -35.64
C THR C 49 19.41 10.55 -37.12
N ALA C 50 20.50 10.02 -37.67
CA ALA C 50 20.52 9.68 -39.09
C ALA C 50 19.48 8.63 -39.42
N GLU C 51 19.32 7.63 -38.56
CA GLU C 51 18.38 6.56 -38.89
C GLU C 51 16.96 7.07 -38.99
N ILE C 52 16.58 7.95 -38.09
CA ILE C 52 15.22 8.44 -38.12
C ILE C 52 15.00 9.33 -39.32
N LEU C 53 15.94 10.22 -39.60
CA LEU C 53 15.79 11.13 -40.70
C LEU C 53 15.80 10.41 -42.03
N GLU C 54 16.63 9.37 -42.14
CA GLU C 54 16.68 8.63 -43.39
C GLU C 54 15.35 7.98 -43.67
N LEU C 55 14.80 7.33 -42.67
CA LEU C 55 13.54 6.62 -42.83
C LEU C 55 12.40 7.60 -43.04
N ALA C 56 12.44 8.73 -42.36
CA ALA C 56 11.41 9.75 -42.54
C ALA C 56 11.46 10.30 -43.95
N GLY C 57 12.66 10.46 -44.49
CA GLY C 57 12.79 10.94 -45.87
C GLY C 57 12.15 9.95 -46.83
N ASN C 58 12.28 8.67 -46.55
CA ASN C 58 11.63 7.68 -47.40
C ASN C 58 10.12 7.78 -47.28
N ALA C 59 9.64 7.98 -46.05
CA ALA C 59 8.21 8.12 -45.82
C ALA C 59 7.70 9.35 -46.56
N ALA C 60 8.52 10.39 -46.62
CA ALA C 60 8.14 11.61 -47.28
C ALA C 60 7.85 11.36 -48.74
N ARG C 61 8.60 10.46 -49.34
CA ARG C 61 8.40 10.14 -50.74
C ARG C 61 7.20 9.25 -50.98
N ASP C 62 6.86 8.43 -50.00
CA ASP C 62 5.65 7.63 -50.12
C ASP C 62 4.47 8.57 -50.26
N ASN C 63 4.57 9.73 -49.61
CA ASN C 63 3.57 10.78 -49.70
C ASN C 63 3.94 11.79 -50.79
N LYS C 64 4.97 11.46 -51.55
CA LYS C 64 5.48 12.25 -52.67
C LYS C 64 5.84 13.68 -52.31
N LYS C 65 6.57 13.82 -51.23
CA LYS C 65 7.02 15.12 -50.76
C LYS C 65 8.53 15.23 -50.80
N THR C 66 9.03 16.43 -50.58
CA THR C 66 10.46 16.68 -50.52
C THR C 66 10.82 17.15 -49.13
N ARG C 67 9.95 16.83 -48.18
CA ARG C 67 10.08 17.36 -46.83
C ARG C 67 9.66 16.40 -45.72
N ILE C 68 10.27 16.55 -44.57
CA ILE C 68 9.88 15.81 -43.37
C ILE C 68 8.98 16.62 -42.44
N ILE C 69 7.86 16.01 -42.07
CA ILE C 69 6.91 16.58 -41.13
C ILE C 69 6.70 15.54 -40.02
N PRO C 70 6.10 15.90 -38.88
CA PRO C 70 5.89 15.05 -37.71
C PRO C 70 5.32 13.69 -38.05
N ARG C 71 4.47 13.66 -39.06
CA ARG C 71 3.87 12.43 -39.51
C ARG C 71 4.88 11.48 -40.11
N HIS C 72 5.84 12.02 -40.82
CA HIS C 72 6.81 11.19 -41.51
C HIS C 72 7.74 10.58 -40.49
N LEU C 73 7.94 11.30 -39.39
CA LEU C 73 8.74 10.78 -38.30
C LEU C 73 8.00 9.62 -37.64
N GLN C 74 6.69 9.75 -37.49
CA GLN C 74 5.89 8.70 -36.88
C GLN C 74 5.89 7.44 -37.71
N LEU C 75 5.75 7.60 -39.01
CA LEU C 75 5.71 6.46 -39.91
C LEU C 75 7.06 5.78 -39.97
N ALA C 76 8.11 6.58 -39.94
CA ALA C 76 9.46 6.05 -39.99
C ALA C 76 9.76 5.18 -38.78
N ILE C 77 9.31 5.64 -37.62
CA ILE C 77 9.59 4.95 -36.38
C ILE C 77 8.78 3.67 -36.21
N ARG C 78 7.50 3.73 -36.50
CA ARG C 78 6.64 2.60 -36.20
C ARG C 78 6.71 1.48 -37.20
N ASN C 79 7.39 1.71 -38.30
CA ASN C 79 7.57 0.65 -39.30
C ASN C 79 8.96 0.06 -39.19
N ASP C 80 9.61 0.33 -38.06
CA ASP C 80 10.92 -0.20 -37.74
C ASP C 80 10.90 -0.69 -36.31
N GLU C 81 10.95 -1.99 -36.11
CA GLU C 81 10.70 -2.56 -34.79
C GLU C 81 11.67 -2.04 -33.75
N GLU C 82 12.92 -1.87 -34.14
CA GLU C 82 13.92 -1.45 -33.19
C GLU C 82 13.74 -0.01 -32.75
N LEU C 83 13.42 0.88 -33.70
CA LEU C 83 13.15 2.25 -33.30
C LEU C 83 11.85 2.33 -32.54
N ASN C 84 10.86 1.57 -33.00
CA ASN C 84 9.56 1.55 -32.33
C ASN C 84 9.71 1.17 -30.89
N LYS C 85 10.57 0.22 -30.62
CA LYS C 85 10.80 -0.22 -29.28
C LYS C 85 11.51 0.84 -28.43
N LEU C 86 12.55 1.44 -29.00
CA LEU C 86 13.31 2.46 -28.29
C LEU C 86 12.41 3.61 -27.90
N LEU C 87 11.48 3.94 -28.78
CA LEU C 87 10.57 5.05 -28.60
C LEU C 87 9.13 4.56 -28.43
N GLY C 88 8.97 3.38 -27.84
CA GLY C 88 7.66 2.74 -27.75
C GLY C 88 6.67 3.47 -26.86
N LYS C 89 7.18 4.35 -26.01
CA LYS C 89 6.33 5.10 -25.11
C LYS C 89 6.25 6.56 -25.49
N VAL C 90 6.74 6.88 -26.67
CA VAL C 90 6.77 8.26 -27.08
C VAL C 90 5.54 8.65 -27.87
N THR C 91 4.91 9.73 -27.44
CA THR C 91 3.81 10.32 -28.18
C THR C 91 4.36 11.44 -29.01
N ILE C 92 4.14 11.38 -30.31
CA ILE C 92 4.66 12.41 -31.19
C ILE C 92 3.56 13.33 -31.65
N ALA C 93 3.72 14.61 -31.38
CA ALA C 93 2.71 15.57 -31.74
C ALA C 93 2.41 15.46 -33.23
N GLN C 94 1.13 15.41 -33.56
CA GLN C 94 0.69 15.33 -34.95
C GLN C 94 1.26 14.13 -35.70
N GLY C 95 1.53 13.04 -34.98
CA GLY C 95 2.05 11.84 -35.62
C GLY C 95 0.97 11.02 -36.31
N GLY C 96 -0.23 11.01 -35.74
CA GLY C 96 -1.31 10.15 -36.21
C GLY C 96 -0.99 8.71 -35.84
N VAL C 97 -1.64 7.75 -36.49
CA VAL C 97 -1.39 6.35 -36.20
C VAL C 97 -1.19 5.56 -37.47
N LEU C 98 -0.72 4.32 -37.36
CA LEU C 98 -0.64 3.48 -38.55
C LEU C 98 -2.04 3.03 -38.94
N PRO C 99 -2.29 2.86 -40.24
CA PRO C 99 -3.56 2.44 -40.82
C PRO C 99 -3.80 0.95 -40.68
N ASN C 100 -3.90 0.49 -39.43
CA ASN C 100 -4.13 -0.92 -39.15
C ASN C 100 -5.60 -1.23 -38.91
N ILE C 101 -6.16 -2.13 -39.71
CA ILE C 101 -7.54 -2.55 -39.54
C ILE C 101 -7.60 -4.06 -39.35
N GLN C 102 -8.30 -4.50 -38.32
CA GLN C 102 -8.39 -5.92 -38.03
C GLN C 102 -9.21 -6.66 -39.07
N ALA C 103 -8.73 -7.83 -39.48
CA ALA C 103 -9.37 -8.62 -40.53
C ALA C 103 -10.81 -8.98 -40.22
N VAL C 104 -11.11 -9.16 -38.95
CA VAL C 104 -12.44 -9.59 -38.53
C VAL C 104 -13.50 -8.51 -38.76
N LEU C 105 -13.05 -7.29 -39.03
CA LEU C 105 -13.94 -6.17 -39.23
C LEU C 105 -14.28 -6.00 -40.70
N LEU C 106 -13.55 -6.71 -41.55
CA LEU C 106 -13.69 -6.55 -42.99
C LEU C 106 -14.72 -7.53 -43.55
N PRO C 107 -15.37 -7.20 -44.67
CA PRO C 107 -16.27 -8.06 -45.41
C PRO C 107 -15.71 -9.46 -45.56
N SER D 1 17.30 36.53 -23.94
CA SER D 1 18.61 35.84 -23.76
C SER D 1 18.99 35.10 -25.05
N ARG D 2 19.42 33.84 -24.93
CA ARG D 2 19.76 33.04 -26.13
C ARG D 2 19.60 31.55 -25.82
N LYS D 3 18.55 30.91 -26.33
CA LYS D 3 18.38 29.47 -26.16
C LYS D 3 19.42 28.68 -26.92
N GLU D 4 19.47 27.39 -26.65
CA GLU D 4 20.34 26.47 -27.39
C GLU D 4 19.54 25.26 -27.85
N SER D 5 19.90 24.73 -29.01
CA SER D 5 19.24 23.54 -29.52
C SER D 5 20.17 22.81 -30.47
N TYR D 6 19.71 21.70 -31.00
CA TYR D 6 20.49 20.91 -31.92
C TYR D 6 20.01 21.09 -33.34
N SER D 7 19.18 22.10 -33.57
CA SER D 7 18.55 22.26 -34.87
C SER D 7 19.55 22.30 -36.01
N VAL D 8 20.67 22.95 -35.78
CA VAL D 8 21.67 23.08 -36.82
C VAL D 8 22.35 21.76 -37.15
N TYR D 9 22.52 20.89 -36.16
CA TYR D 9 23.22 19.64 -36.39
C TYR D 9 22.29 18.64 -37.01
N VAL D 10 21.04 18.68 -36.60
CA VAL D 10 20.04 17.77 -37.14
C VAL D 10 19.86 18.08 -38.60
N TYR D 11 19.83 19.35 -38.93
CA TYR D 11 19.68 19.78 -40.30
C TYR D 11 20.78 19.20 -41.18
N LYS D 12 22.01 19.27 -40.71
CA LYS D 12 23.12 18.73 -41.49
C LYS D 12 23.01 17.24 -41.72
N VAL D 13 22.61 16.51 -40.68
CA VAL D 13 22.51 15.07 -40.82
C VAL D 13 21.51 14.75 -41.91
N LEU D 14 20.41 15.49 -41.94
CA LEU D 14 19.40 15.27 -42.96
C LEU D 14 20.01 15.33 -44.34
N LYS D 15 20.99 16.21 -44.53
CA LYS D 15 21.63 16.33 -45.83
C LYS D 15 22.51 15.14 -46.15
N GLN D 16 23.10 14.54 -45.13
CA GLN D 16 23.96 13.41 -45.35
C GLN D 16 23.16 12.23 -45.89
N VAL D 17 21.92 12.11 -45.43
CA VAL D 17 21.07 11.01 -45.86
C VAL D 17 20.20 11.38 -47.06
N HIS D 18 19.65 12.58 -47.06
CA HIS D 18 18.78 13.06 -48.12
C HIS D 18 19.07 14.51 -48.49
N PRO D 19 20.07 14.75 -49.34
CA PRO D 19 20.61 16.05 -49.73
C PRO D 19 19.55 17.02 -50.23
N ASP D 20 18.47 16.49 -50.79
CA ASP D 20 17.42 17.32 -51.37
C ASP D 20 16.14 17.38 -50.55
N THR D 21 16.20 16.95 -49.30
CA THR D 21 15.02 16.93 -48.45
C THR D 21 15.04 18.03 -47.41
N GLY D 22 13.93 18.73 -47.27
CA GLY D 22 13.80 19.78 -46.26
C GLY D 22 13.11 19.25 -45.02
N ILE D 23 12.84 20.14 -44.08
CA ILE D 23 12.22 19.72 -42.83
C ILE D 23 11.42 20.84 -42.19
N SER D 24 10.27 20.48 -41.63
CA SER D 24 9.41 21.47 -40.98
C SER D 24 9.97 21.88 -39.63
N SER D 25 9.48 23.00 -39.11
CA SER D 25 9.94 23.48 -37.82
C SER D 25 9.49 22.57 -36.70
N LYS D 26 8.37 21.90 -36.92
CA LYS D 26 7.86 20.97 -35.93
C LYS D 26 8.65 19.70 -35.94
N ALA D 27 8.97 19.21 -37.12
CA ALA D 27 9.76 18.00 -37.21
C ALA D 27 11.09 18.26 -36.53
N MET D 28 11.59 19.49 -36.69
CA MET D 28 12.84 19.84 -36.05
C MET D 28 12.67 19.88 -34.54
N GLY D 29 11.55 20.44 -34.08
CA GLY D 29 11.27 20.49 -32.65
C GLY D 29 11.17 19.09 -32.06
N ILE D 30 10.61 18.17 -32.83
CA ILE D 30 10.50 16.79 -32.41
C ILE D 30 11.87 16.15 -32.33
N MET D 31 12.71 16.40 -33.34
CA MET D 31 14.05 15.85 -33.32
C MET D 31 14.84 16.41 -32.14
N ASN D 32 14.58 17.66 -31.77
CA ASN D 32 15.27 18.23 -30.63
C ASN D 32 14.83 17.55 -29.34
N SER D 33 13.54 17.24 -29.23
CA SER D 33 13.05 16.55 -28.05
C SER D 33 13.67 15.17 -27.98
N PHE D 34 13.75 14.52 -29.14
CA PHE D 34 14.34 13.20 -29.23
C PHE D 34 15.78 13.17 -28.78
N VAL D 35 16.59 14.09 -29.30
CA VAL D 35 18.00 14.08 -28.95
C VAL D 35 18.18 14.28 -27.47
N ASN D 36 17.42 15.20 -26.88
CA ASN D 36 17.54 15.44 -25.46
C ASN D 36 17.08 14.27 -24.63
N ASP D 37 16.10 13.51 -25.14
CA ASP D 37 15.60 12.37 -24.40
C ASP D 37 16.62 11.25 -24.41
N ILE D 38 17.21 10.99 -25.56
CA ILE D 38 18.21 9.93 -25.63
C ILE D 38 19.44 10.31 -24.84
N PHE D 39 19.87 11.55 -24.96
CA PHE D 39 21.02 12.03 -24.23
C PHE D 39 20.83 11.79 -22.74
N GLU D 40 19.70 12.21 -22.22
CA GLU D 40 19.46 12.10 -20.79
C GLU D 40 19.54 10.67 -20.33
N ARG D 41 18.99 9.76 -21.12
CA ARG D 41 18.98 8.36 -20.70
C ARG D 41 20.36 7.77 -20.64
N ILE D 42 21.16 8.02 -21.67
CA ILE D 42 22.48 7.44 -21.71
C ILE D 42 23.32 8.02 -20.62
N ALA D 43 23.24 9.34 -20.46
CA ALA D 43 23.96 10.01 -19.40
C ALA D 43 23.50 9.51 -18.06
N GLY D 44 22.20 9.23 -17.94
CA GLY D 44 21.62 8.72 -16.71
C GLY D 44 22.20 7.36 -16.35
N GLU D 45 22.24 6.45 -17.30
CA GLU D 45 22.78 5.13 -17.04
C GLU D 45 24.27 5.18 -16.78
N ALA D 46 24.96 6.04 -17.51
CA ALA D 46 26.40 6.15 -17.32
C ALA D 46 26.70 6.63 -15.91
N SER D 47 25.88 7.54 -15.42
CA SER D 47 26.01 8.03 -14.06
C SER D 47 25.89 6.91 -13.09
N ARG D 48 24.85 6.11 -13.30
CA ARG D 48 24.57 5.00 -12.42
C ARG D 48 25.64 3.94 -12.45
N LEU D 49 26.14 3.61 -13.62
CA LEU D 49 27.17 2.58 -13.71
C LEU D 49 28.38 3.02 -12.93
N ALA D 50 28.74 4.29 -13.05
CA ALA D 50 29.88 4.79 -12.32
C ALA D 50 29.62 4.68 -10.83
N HIS D 51 28.41 4.98 -10.40
CA HIS D 51 28.06 4.89 -8.99
C HIS D 51 28.09 3.45 -8.51
N TYR D 52 27.45 2.57 -9.26
CA TYR D 52 27.35 1.16 -8.91
C TYR D 52 28.72 0.54 -8.72
N ASN D 53 29.67 0.92 -9.57
CA ASN D 53 31.02 0.38 -9.49
C ASN D 53 31.92 1.27 -8.66
N LYS D 54 31.32 2.21 -7.93
CA LYS D 54 32.01 3.05 -6.97
C LYS D 54 33.08 3.91 -7.62
N ARG D 55 32.72 4.66 -8.64
CA ARG D 55 33.64 5.53 -9.33
C ARG D 55 33.10 6.94 -9.52
N SER D 56 34.00 7.87 -9.81
CA SER D 56 33.63 9.26 -9.96
C SER D 56 33.59 9.67 -11.41
N THR D 57 34.30 8.94 -12.26
CA THR D 57 34.45 9.34 -13.65
C THR D 57 33.59 8.54 -14.61
N ILE D 58 32.93 9.24 -15.51
CA ILE D 58 32.29 8.60 -16.65
C ILE D 58 33.24 8.55 -17.82
N THR D 59 33.48 7.37 -18.36
CA THR D 59 34.39 7.24 -19.49
C THR D 59 33.62 6.69 -20.67
N SER D 60 34.30 6.52 -21.78
CA SER D 60 33.66 6.02 -22.98
C SER D 60 33.11 4.61 -22.76
N ARG D 61 33.62 3.93 -21.75
CA ARG D 61 33.19 2.57 -21.47
C ARG D 61 31.82 2.53 -20.83
N GLU D 62 31.55 3.46 -19.92
CA GLU D 62 30.24 3.52 -19.31
C GLU D 62 29.23 3.90 -20.34
N ILE D 63 29.62 4.77 -21.26
CA ILE D 63 28.71 5.17 -22.30
C ILE D 63 28.39 3.95 -23.14
N GLN D 64 29.41 3.18 -23.49
CA GLN D 64 29.20 1.98 -24.30
C GLN D 64 28.23 1.01 -23.65
N THR D 65 28.43 0.75 -22.37
CA THR D 65 27.56 -0.16 -21.65
C THR D 65 26.15 0.40 -21.59
N ALA D 66 26.05 1.70 -21.33
CA ALA D 66 24.75 2.35 -21.26
C ALA D 66 24.00 2.23 -22.57
N VAL D 67 24.73 2.32 -23.68
CA VAL D 67 24.10 2.20 -24.98
C VAL D 67 23.43 0.86 -25.12
N ARG D 68 24.12 -0.19 -24.72
CA ARG D 68 23.56 -1.52 -24.86
C ARG D 68 22.34 -1.76 -24.00
N LEU D 69 22.36 -1.22 -22.80
CA LEU D 69 21.24 -1.41 -21.90
C LEU D 69 20.00 -0.67 -22.40
N LEU D 70 20.22 0.44 -23.09
CA LEU D 70 19.11 1.25 -23.56
C LEU D 70 18.63 0.92 -24.96
N LEU D 71 19.53 0.59 -25.87
CA LEU D 71 19.12 0.39 -27.25
C LEU D 71 18.85 -1.08 -27.54
N PRO D 72 17.78 -1.39 -28.27
CA PRO D 72 17.37 -2.71 -28.69
C PRO D 72 18.15 -3.21 -29.88
N GLY D 73 18.17 -4.53 -30.04
CA GLY D 73 18.53 -5.17 -31.28
C GLY D 73 19.89 -4.74 -31.79
N GLU D 74 19.95 -4.38 -33.06
CA GLU D 74 21.19 -3.97 -33.67
C GLU D 74 21.45 -2.48 -33.51
N LEU D 75 20.47 -1.71 -33.10
CA LEU D 75 20.72 -0.29 -32.98
C LEU D 75 21.82 -0.12 -31.95
N ALA D 76 21.76 -0.92 -30.91
CA ALA D 76 22.79 -0.86 -29.89
C ALA D 76 24.14 -1.17 -30.49
N LYS D 77 24.16 -2.12 -31.39
CA LYS D 77 25.41 -2.58 -31.97
C LYS D 77 26.02 -1.59 -32.93
N HIS D 78 25.21 -1.02 -33.79
CA HIS D 78 25.73 -0.09 -34.77
C HIS D 78 26.18 1.16 -34.07
N ALA D 79 25.45 1.52 -33.01
CA ALA D 79 25.82 2.67 -32.20
C ALA D 79 27.17 2.44 -31.54
N VAL D 80 27.40 1.23 -31.05
CA VAL D 80 28.68 0.92 -30.44
C VAL D 80 29.80 0.99 -31.44
N SER D 81 29.58 0.48 -32.65
CA SER D 81 30.60 0.54 -33.67
C SER D 81 30.99 1.97 -33.96
N GLU D 82 30.00 2.84 -34.10
CA GLU D 82 30.27 4.24 -34.42
C GLU D 82 30.94 4.95 -33.25
N GLY D 83 30.50 4.66 -32.04
CA GLY D 83 31.08 5.27 -30.87
C GLY D 83 32.53 4.88 -30.72
N THR D 84 32.81 3.61 -30.96
CA THR D 84 34.16 3.11 -30.83
C THR D 84 35.10 3.85 -31.75
N LYS D 85 34.67 4.03 -32.99
CA LYS D 85 35.50 4.71 -33.96
C LYS D 85 35.75 6.16 -33.62
N ALA D 86 34.70 6.86 -33.22
CA ALA D 86 34.85 8.28 -32.98
C ALA D 86 35.89 8.50 -31.92
N VAL D 87 35.88 7.64 -30.91
CA VAL D 87 36.86 7.73 -29.84
C VAL D 87 38.24 7.32 -30.33
N THR D 88 38.29 6.25 -31.10
CA THR D 88 39.56 5.75 -31.60
C THR D 88 40.27 6.80 -32.40
N LYS D 89 39.53 7.48 -33.26
CA LYS D 89 40.13 8.51 -34.10
C LYS D 89 40.44 9.76 -33.33
N TYR D 90 39.50 10.21 -32.51
CA TYR D 90 39.73 11.42 -31.74
C TYR D 90 41.03 11.28 -30.99
N THR D 91 41.26 10.11 -30.41
CA THR D 91 42.46 9.83 -29.66
C THR D 91 43.70 9.95 -30.52
N SER D 92 43.67 9.37 -31.72
CA SER D 92 44.82 9.41 -32.61
C SER D 92 44.96 10.72 -33.37
N ALA D 93 43.90 11.54 -33.35
CA ALA D 93 43.88 12.81 -34.07
C ALA D 93 44.86 13.82 -33.49
N PRO E 1 -33.99 6.09 -52.82
CA PRO E 1 -33.33 6.21 -51.52
C PRO E 1 -32.03 5.39 -51.51
N HIS E 2 -30.98 5.88 -52.19
CA HIS E 2 -29.72 5.16 -52.28
C HIS E 2 -28.91 5.38 -51.01
N ARG E 3 -28.24 4.34 -50.54
CA ARG E 3 -27.44 4.45 -49.34
C ARG E 3 -26.46 3.31 -49.16
N TYR E 4 -25.55 3.49 -48.22
CA TYR E 4 -24.59 2.45 -47.85
C TYR E 4 -25.09 1.63 -46.67
N ARG E 5 -24.63 0.39 -46.61
CA ARG E 5 -25.00 -0.50 -45.51
C ARG E 5 -24.23 -0.17 -44.24
N PRO E 6 -24.73 -0.61 -43.09
CA PRO E 6 -24.06 -0.57 -41.81
C PRO E 6 -22.70 -1.22 -41.90
N GLY E 7 -21.68 -0.51 -41.44
CA GLY E 7 -20.32 -1.04 -41.39
C GLY E 7 -19.47 -0.52 -42.55
N THR E 8 -20.10 -0.11 -43.63
CA THR E 8 -19.35 0.37 -44.77
C THR E 8 -18.70 1.70 -44.45
N VAL E 9 -19.47 2.59 -43.86
CA VAL E 9 -18.97 3.89 -43.49
C VAL E 9 -18.00 3.78 -42.34
N ALA E 10 -18.35 2.96 -41.36
CA ALA E 10 -17.47 2.82 -40.21
C ALA E 10 -16.07 2.40 -40.62
N LEU E 11 -15.95 1.46 -41.55
CA LEU E 11 -14.61 1.05 -41.98
C LEU E 11 -13.91 2.18 -42.67
N ARG E 12 -14.67 2.92 -43.46
CA ARG E 12 -14.12 4.05 -44.17
C ARG E 12 -13.57 5.10 -43.24
N GLU E 13 -14.32 5.41 -42.20
CA GLU E 13 -13.91 6.41 -41.26
C GLU E 13 -12.67 5.97 -40.51
N ILE E 14 -12.59 4.67 -40.24
CA ILE E 14 -11.39 4.17 -39.59
C ILE E 14 -10.18 4.49 -40.44
N ARG E 15 -10.27 4.24 -41.74
CA ARG E 15 -9.15 4.57 -42.60
C ARG E 15 -8.77 6.03 -42.51
N ARG E 16 -9.78 6.86 -42.61
CA ARG E 16 -9.54 8.28 -42.72
C ARG E 16 -9.00 8.91 -41.46
N TYR E 17 -9.51 8.49 -40.32
CA TYR E 17 -9.05 9.10 -39.08
C TYR E 17 -7.69 8.57 -38.70
N GLN E 18 -7.40 7.33 -39.07
CA GLN E 18 -6.08 6.80 -38.82
C GLN E 18 -5.06 7.58 -39.61
N LYS E 19 -5.44 7.92 -40.82
CA LYS E 19 -4.59 8.63 -41.75
C LYS E 19 -4.27 10.06 -41.37
N SER E 20 -5.27 10.83 -40.97
CA SER E 20 -5.05 12.23 -40.69
C SER E 20 -4.34 12.44 -39.36
N THR E 21 -3.84 13.65 -39.13
CA THR E 21 -3.07 13.93 -37.92
C THR E 21 -3.68 14.98 -37.00
N GLU E 22 -4.75 15.63 -37.44
CA GLU E 22 -5.29 16.73 -36.65
C GLU E 22 -6.00 16.22 -35.41
N LEU E 23 -6.50 17.16 -34.62
CA LEU E 23 -7.21 16.85 -33.40
C LEU E 23 -8.65 16.50 -33.70
N LEU E 24 -9.20 15.56 -32.94
CA LEU E 24 -10.56 15.10 -33.16
C LEU E 24 -11.52 15.68 -32.15
N ILE E 25 -10.98 16.08 -31.00
CA ILE E 25 -11.77 16.74 -29.97
C ILE E 25 -11.76 18.24 -30.22
N ARG E 26 -12.92 18.86 -30.13
CA ARG E 26 -13.01 20.30 -30.33
C ARG E 26 -12.22 21.02 -29.28
N LYS E 27 -11.63 22.15 -29.67
CA LYS E 27 -10.70 22.80 -28.78
C LYS E 27 -11.31 23.58 -27.65
N LEU E 28 -12.22 24.50 -27.93
CA LEU E 28 -12.71 25.29 -26.82
C LEU E 28 -13.36 24.43 -25.74
N PRO E 29 -14.20 23.44 -26.08
CA PRO E 29 -14.77 22.49 -25.16
C PRO E 29 -13.69 21.80 -24.34
N PHE E 30 -12.65 21.30 -24.99
CA PHE E 30 -11.58 20.63 -24.29
C PHE E 30 -10.89 21.59 -23.33
N GLN E 31 -10.59 22.78 -23.82
CA GLN E 31 -9.87 23.77 -23.05
C GLN E 31 -10.59 24.08 -21.76
N ARG E 32 -11.90 24.19 -21.83
CA ARG E 32 -12.68 24.46 -20.65
C ARG E 32 -12.65 23.32 -19.68
N LEU E 33 -12.68 22.10 -20.18
CA LEU E 33 -12.62 20.93 -19.32
C LEU E 33 -11.34 20.94 -18.53
N VAL E 34 -10.23 21.31 -19.18
CA VAL E 34 -8.96 21.36 -18.49
C VAL E 34 -9.03 22.32 -17.32
N ARG E 35 -9.59 23.48 -17.57
CA ARG E 35 -9.69 24.49 -16.54
C ARG E 35 -10.63 24.09 -15.41
N GLU E 36 -11.76 23.49 -15.76
CA GLU E 36 -12.70 23.06 -14.75
C GLU E 36 -12.04 22.10 -13.80
N ILE E 37 -11.23 21.20 -14.34
CA ILE E 37 -10.50 20.29 -13.49
C ILE E 37 -9.44 21.03 -12.69
N ALA E 38 -8.72 21.92 -13.36
CA ALA E 38 -7.64 22.63 -12.72
C ALA E 38 -8.11 23.46 -11.53
N GLN E 39 -9.31 24.04 -11.62
CA GLN E 39 -9.80 24.94 -10.58
C GLN E 39 -10.07 24.19 -9.29
N ASP E 40 -10.14 22.87 -9.37
CA ASP E 40 -10.40 22.06 -8.19
C ASP E 40 -9.14 21.85 -7.39
N PHE E 41 -8.00 22.19 -7.98
CA PHE E 41 -6.75 22.07 -7.27
C PHE E 41 -6.34 23.45 -6.81
N LYS E 42 -6.57 24.42 -7.66
CA LYS E 42 -6.29 25.81 -7.32
C LYS E 42 -7.05 26.79 -8.19
N THR E 43 -7.47 27.90 -7.61
CA THR E 43 -8.11 28.94 -8.38
C THR E 43 -7.10 29.85 -9.03
N ASP E 44 -7.58 30.66 -9.98
CA ASP E 44 -6.77 31.68 -10.62
C ASP E 44 -5.55 31.12 -11.34
N LEU E 45 -5.70 29.93 -11.92
CA LEU E 45 -4.64 29.36 -12.75
C LEU E 45 -4.77 29.82 -14.16
N ARG E 46 -3.66 29.88 -14.85
CA ARG E 46 -3.64 30.29 -16.24
C ARG E 46 -2.89 29.29 -17.07
N PHE E 47 -3.20 29.25 -18.34
CA PHE E 47 -2.53 28.31 -19.23
C PHE E 47 -2.03 28.99 -20.47
N GLN E 48 -0.86 28.56 -20.92
CA GLN E 48 -0.40 28.96 -22.23
C GLN E 48 -1.12 28.13 -23.25
N SER E 49 -1.31 28.66 -24.45
CA SER E 49 -2.02 27.90 -25.47
C SER E 49 -1.26 26.62 -25.81
N SER E 50 0.05 26.66 -25.65
CA SER E 50 0.87 25.49 -25.91
C SER E 50 0.69 24.43 -24.83
N ALA E 51 0.31 24.85 -23.63
CA ALA E 51 0.10 23.91 -22.55
C ALA E 51 -1.20 23.17 -22.79
N VAL E 52 -2.19 23.88 -23.29
CA VAL E 52 -3.48 23.28 -23.54
C VAL E 52 -3.36 22.26 -24.66
N MET E 53 -2.64 22.64 -25.71
CA MET E 53 -2.42 21.71 -26.82
C MET E 53 -1.65 20.49 -26.36
N ALA E 54 -0.64 20.69 -25.51
CA ALA E 54 0.13 19.56 -25.03
C ALA E 54 -0.77 18.59 -24.28
N LEU E 55 -1.67 19.13 -23.47
CA LEU E 55 -2.61 18.28 -22.76
C LEU E 55 -3.55 17.59 -23.70
N GLN E 56 -3.97 18.28 -24.75
CA GLN E 56 -4.96 17.72 -25.63
C GLN E 56 -4.40 16.58 -26.45
N GLU E 57 -3.19 16.74 -26.96
CA GLU E 57 -2.61 15.67 -27.75
C GLU E 57 -2.33 14.46 -26.92
N ALA E 58 -1.85 14.67 -25.70
CA ALA E 58 -1.61 13.56 -24.81
C ALA E 58 -2.90 12.85 -24.48
N SER E 59 -3.97 13.63 -24.32
CA SER E 59 -5.26 13.07 -23.97
C SER E 59 -5.84 12.25 -25.10
N GLU E 60 -5.72 12.74 -26.33
CA GLU E 60 -6.23 11.98 -27.45
C GLU E 60 -5.39 10.74 -27.65
N ALA E 61 -4.07 10.88 -27.58
CA ALA E 61 -3.21 9.75 -27.80
C ALA E 61 -3.53 8.67 -26.79
N TYR E 62 -3.81 9.08 -25.56
CA TYR E 62 -4.18 8.15 -24.52
C TYR E 62 -5.43 7.41 -24.88
N LEU E 63 -6.49 8.14 -25.24
CA LEU E 63 -7.76 7.51 -25.53
C LEU E 63 -7.71 6.63 -26.75
N VAL E 64 -6.95 7.03 -27.76
CA VAL E 64 -6.88 6.23 -28.96
C VAL E 64 -6.22 4.90 -28.66
N GLY E 65 -5.12 4.95 -27.91
CA GLY E 65 -4.44 3.72 -27.51
C GLY E 65 -5.36 2.85 -26.68
N LEU E 66 -6.17 3.47 -25.83
CA LEU E 66 -7.10 2.73 -25.01
C LEU E 66 -8.14 2.03 -25.89
N PHE E 67 -8.60 2.72 -26.92
CA PHE E 67 -9.56 2.14 -27.82
C PHE E 67 -8.99 0.99 -28.61
N GLU E 68 -7.71 1.07 -28.96
CA GLU E 68 -7.09 -0.04 -29.67
C GLU E 68 -7.13 -1.32 -28.84
N ASP E 69 -6.84 -1.19 -27.54
CA ASP E 69 -6.86 -2.35 -26.66
C ASP E 69 -8.29 -2.79 -26.40
N THR E 70 -9.20 -1.83 -26.33
CA THR E 70 -10.60 -2.12 -26.13
C THR E 70 -11.13 -2.93 -27.28
N ASN E 71 -10.74 -2.55 -28.49
CA ASN E 71 -11.20 -3.23 -29.69
C ASN E 71 -10.74 -4.67 -29.68
N LEU E 72 -9.51 -4.90 -29.24
CA LEU E 72 -8.98 -6.25 -29.20
C LEU E 72 -9.75 -7.10 -28.22
N ALA E 73 -10.12 -6.51 -27.09
CA ALA E 73 -10.89 -7.26 -26.10
C ALA E 73 -12.23 -7.68 -26.67
N ALA E 74 -12.87 -6.79 -27.44
CA ALA E 74 -14.14 -7.10 -28.04
C ALA E 74 -14.00 -8.23 -29.05
N ILE E 75 -12.90 -8.22 -29.78
CA ILE E 75 -12.63 -9.26 -30.75
C ILE E 75 -12.39 -10.58 -30.05
N HIS E 76 -11.65 -10.54 -28.96
CA HIS E 76 -11.39 -11.74 -28.17
C HIS E 76 -12.69 -12.40 -27.74
N ALA E 77 -13.68 -11.58 -27.45
CA ALA E 77 -14.99 -12.05 -27.05
C ALA E 77 -15.86 -12.40 -28.25
N LYS E 78 -15.25 -12.32 -29.43
CA LYS E 78 -15.90 -12.58 -30.69
C LYS E 78 -16.97 -11.55 -31.04
N ARG E 79 -16.63 -10.27 -30.91
CA ARG E 79 -17.56 -9.21 -31.22
C ARG E 79 -16.97 -8.11 -32.05
N VAL E 80 -17.84 -7.27 -32.56
CA VAL E 80 -17.45 -6.08 -33.28
C VAL E 80 -17.70 -4.87 -32.39
N THR E 81 -18.82 -4.91 -31.66
CA THR E 81 -19.23 -3.81 -30.82
C THR E 81 -18.40 -3.74 -29.55
N ILE E 82 -17.91 -2.56 -29.21
CA ILE E 82 -17.21 -2.40 -27.95
C ILE E 82 -18.16 -1.97 -26.85
N MET E 83 -17.99 -2.55 -25.67
CA MET E 83 -18.82 -2.25 -24.52
C MET E 83 -17.96 -1.76 -23.36
N PRO E 84 -18.53 -1.07 -22.37
CA PRO E 84 -17.82 -0.47 -21.24
C PRO E 84 -16.86 -1.44 -20.57
N LYS E 85 -17.22 -2.69 -20.53
CA LYS E 85 -16.39 -3.70 -19.93
C LYS E 85 -15.17 -4.08 -20.76
N ASP E 86 -15.14 -3.76 -22.04
CA ASP E 86 -13.99 -4.05 -22.84
C ASP E 86 -12.96 -3.01 -22.50
N ILE E 87 -13.46 -1.82 -22.18
CA ILE E 87 -12.59 -0.75 -21.74
C ILE E 87 -12.02 -1.10 -20.38
N GLN E 88 -12.88 -1.55 -19.49
CA GLN E 88 -12.44 -1.85 -18.14
C GLN E 88 -11.43 -2.97 -18.11
N LEU E 89 -11.62 -3.99 -18.94
CA LEU E 89 -10.67 -5.08 -18.98
C LEU E 89 -9.32 -4.58 -19.44
N ALA E 90 -9.32 -3.80 -20.52
CA ALA E 90 -8.05 -3.33 -21.06
C ALA E 90 -7.28 -2.57 -20.01
N ARG E 91 -7.98 -1.74 -19.27
CA ARG E 91 -7.32 -0.94 -18.26
C ARG E 91 -6.78 -1.77 -17.13
N ARG E 92 -7.56 -2.75 -16.74
CA ARG E 92 -7.19 -3.60 -15.64
C ARG E 92 -5.95 -4.39 -15.96
N ILE E 93 -5.87 -4.92 -17.18
CA ILE E 93 -4.71 -5.67 -17.60
C ILE E 93 -3.49 -4.77 -17.63
N ARG E 94 -3.67 -3.54 -18.10
CA ARG E 94 -2.58 -2.59 -18.10
C ARG E 94 -2.07 -2.33 -16.69
N GLY E 95 -2.98 -2.33 -15.73
CA GLY E 95 -2.62 -2.11 -14.34
C GLY E 95 -3.06 -0.74 -13.84
N GLU E 96 -4.11 -0.20 -14.43
CA GLU E 96 -4.63 1.09 -13.99
C GLU E 96 -5.66 0.91 -12.88
N LYS F 1 -16.73 33.11 -12.38
CA LYS F 1 -15.38 32.56 -12.55
C LYS F 1 -15.33 31.09 -12.20
N VAL F 2 -16.49 30.46 -12.18
CA VAL F 2 -16.57 29.05 -11.85
C VAL F 2 -17.05 28.24 -13.03
N LEU F 3 -16.24 27.28 -13.45
CA LEU F 3 -16.60 26.42 -14.57
C LEU F 3 -17.28 25.18 -14.08
N ARG F 4 -18.19 24.65 -14.90
CA ARG F 4 -18.84 23.40 -14.55
C ARG F 4 -19.36 22.64 -15.75
N ASP F 5 -19.48 21.32 -15.60
CA ASP F 5 -20.11 20.47 -16.65
C ASP F 5 -19.51 20.73 -18.03
N ASN F 6 -18.18 20.79 -18.11
CA ASN F 6 -17.58 20.91 -19.43
C ASN F 6 -17.12 19.55 -19.89
N ILE F 7 -17.40 18.55 -19.08
CA ILE F 7 -17.13 17.18 -19.45
C ILE F 7 -18.02 16.80 -20.62
N GLN F 8 -19.22 17.38 -20.73
CA GLN F 8 -20.11 17.11 -21.87
C GLN F 8 -19.65 17.93 -23.07
N GLY F 9 -18.58 18.72 -22.91
CA GLY F 9 -18.00 19.45 -24.03
C GLY F 9 -17.30 18.45 -24.93
N ILE F 10 -17.09 17.25 -24.41
CA ILE F 10 -16.53 16.19 -25.21
C ILE F 10 -17.71 15.45 -25.79
N THR F 11 -18.02 15.77 -27.03
CA THR F 11 -19.26 15.37 -27.64
C THR F 11 -19.27 13.94 -28.11
N LYS F 12 -20.43 13.35 -28.35
CA LYS F 12 -20.47 11.95 -28.89
C LYS F 12 -19.58 11.77 -30.12
N PRO F 13 -19.77 12.50 -31.24
CA PRO F 13 -18.93 12.36 -32.40
C PRO F 13 -17.44 12.41 -32.09
N ALA F 14 -17.06 13.23 -31.12
CA ALA F 14 -15.65 13.35 -30.79
C ALA F 14 -15.11 12.04 -30.26
N ILE F 15 -15.91 11.39 -29.43
CA ILE F 15 -15.48 10.12 -28.87
C ILE F 15 -15.38 9.08 -29.95
N ARG F 16 -16.34 9.08 -30.85
CA ARG F 16 -16.34 8.09 -31.90
C ARG F 16 -15.18 8.24 -32.83
N ARG F 17 -14.84 9.47 -33.15
CA ARG F 17 -13.74 9.69 -34.04
C ARG F 17 -12.46 9.14 -33.44
N LEU F 18 -12.28 9.34 -32.14
CA LEU F 18 -11.11 8.80 -31.48
C LEU F 18 -11.15 7.29 -31.52
N ALA F 19 -12.32 6.73 -31.28
CA ALA F 19 -12.48 5.29 -31.27
C ALA F 19 -12.17 4.72 -32.64
N ARG F 20 -12.72 5.36 -33.68
CA ARG F 20 -12.49 4.93 -35.09
C ARG F 20 -11.00 4.96 -35.40
N ARG F 21 -10.29 6.03 -34.99
CA ARG F 21 -8.87 6.11 -35.25
C ARG F 21 -8.18 4.92 -34.63
N GLY F 22 -8.71 4.43 -33.51
CA GLY F 22 -8.15 3.28 -32.82
C GLY F 22 -8.55 1.96 -33.46
N GLY F 23 -9.34 2.03 -34.53
CA GLY F 23 -9.77 0.84 -35.25
C GLY F 23 -11.10 0.31 -34.76
N VAL F 24 -11.78 1.05 -33.89
CA VAL F 24 -13.07 0.61 -33.41
C VAL F 24 -14.13 0.86 -34.45
N LYS F 25 -14.85 -0.20 -34.77
CA LYS F 25 -15.86 -0.10 -35.80
C LYS F 25 -17.22 0.25 -35.27
N ARG F 26 -17.58 -0.37 -34.17
CA ARG F 26 -18.95 -0.28 -33.68
C ARG F 26 -18.97 -0.03 -32.20
N ILE F 27 -19.76 0.96 -31.79
CA ILE F 27 -19.68 1.46 -30.43
C ILE F 27 -21.00 1.36 -29.67
N SER F 28 -20.99 0.69 -28.53
CA SER F 28 -22.17 0.60 -27.68
C SER F 28 -22.53 1.96 -27.09
N GLY F 29 -23.82 2.22 -26.90
CA GLY F 29 -24.27 3.52 -26.42
C GLY F 29 -23.69 3.93 -25.07
N LEU F 30 -23.35 2.96 -24.24
CA LEU F 30 -22.84 3.26 -22.91
C LEU F 30 -21.38 3.69 -22.89
N ILE F 31 -20.72 3.57 -24.03
CA ILE F 31 -19.31 3.93 -24.15
C ILE F 31 -19.10 5.41 -23.92
N TYR F 32 -19.99 6.22 -24.45
CA TYR F 32 -19.78 7.69 -24.38
C TYR F 32 -19.58 8.10 -22.93
N GLU F 33 -20.42 7.63 -22.03
CA GLU F 33 -20.30 7.99 -20.64
C GLU F 33 -19.08 7.37 -19.99
N GLU F 34 -18.82 6.11 -20.30
CA GLU F 34 -17.70 5.42 -19.68
C GLU F 34 -16.38 6.03 -20.12
N THR F 35 -16.30 6.43 -21.38
CA THR F 35 -15.07 6.96 -21.93
C THR F 35 -14.70 8.26 -21.23
N ARG F 36 -15.67 9.16 -21.08
CA ARG F 36 -15.44 10.46 -20.39
C ARG F 36 -14.94 10.20 -18.98
N GLY F 37 -15.47 9.18 -18.31
CA GLY F 37 -15.09 8.88 -16.94
C GLY F 37 -13.63 8.45 -16.85
N VAL F 38 -13.02 8.12 -17.99
CA VAL F 38 -11.63 7.72 -18.03
C VAL F 38 -10.76 8.88 -18.45
N LEU F 39 -11.22 9.62 -19.46
CA LEU F 39 -10.50 10.79 -19.91
C LEU F 39 -10.27 11.74 -18.77
N LYS F 40 -11.30 11.93 -17.99
CA LYS F 40 -11.25 12.83 -16.87
C LYS F 40 -10.18 12.44 -15.88
N VAL F 41 -10.07 11.15 -15.59
CA VAL F 41 -9.09 10.69 -14.63
C VAL F 41 -7.70 10.97 -15.14
N PHE F 42 -7.50 10.71 -16.42
CA PHE F 42 -6.22 10.99 -17.04
C PHE F 42 -5.88 12.45 -16.86
N LEU F 43 -6.83 13.33 -17.18
CA LEU F 43 -6.57 14.75 -17.07
C LEU F 43 -6.31 15.17 -15.63
N GLU F 44 -7.03 14.60 -14.68
CA GLU F 44 -6.82 15.02 -13.30
C GLU F 44 -5.41 14.73 -12.85
N ASN F 45 -4.90 13.57 -13.23
CA ASN F 45 -3.57 13.19 -12.80
C ASN F 45 -2.50 14.04 -13.48
N VAL F 46 -2.70 14.33 -14.75
CA VAL F 46 -1.71 15.11 -15.48
C VAL F 46 -1.75 16.56 -15.09
N ILE F 47 -2.94 17.12 -15.02
CA ILE F 47 -3.09 18.52 -14.68
C ILE F 47 -2.53 18.78 -13.31
N ARG F 48 -2.86 17.92 -12.37
CA ARG F 48 -2.37 18.10 -11.02
C ARG F 48 -0.86 18.16 -10.94
N ASP F 49 -0.17 17.27 -11.62
CA ASP F 49 1.27 17.34 -11.58
C ASP F 49 1.75 18.63 -12.22
N ALA F 50 1.11 19.04 -13.31
CA ALA F 50 1.51 20.27 -13.96
C ALA F 50 1.32 21.46 -13.04
N VAL F 51 0.25 21.44 -12.26
CA VAL F 51 0.02 22.50 -11.29
C VAL F 51 1.06 22.44 -10.20
N THR F 52 1.35 21.23 -9.72
CA THR F 52 2.35 21.07 -8.67
C THR F 52 3.68 21.65 -9.09
N TYR F 53 4.10 21.37 -10.32
CA TYR F 53 5.35 21.93 -10.83
C TYR F 53 5.25 23.45 -10.90
N THR F 54 4.10 23.94 -11.35
CA THR F 54 3.87 25.36 -11.51
C THR F 54 3.97 26.08 -10.17
N GLU F 55 3.35 25.50 -9.15
CA GLU F 55 3.37 26.09 -7.81
C GLU F 55 4.77 26.08 -7.25
N HIS F 56 5.50 25.00 -7.47
CA HIS F 56 6.86 24.90 -6.95
C HIS F 56 7.68 26.06 -7.45
N ALA F 57 7.50 26.38 -8.73
CA ALA F 57 8.20 27.46 -9.39
C ALA F 57 7.62 28.81 -9.05
N LYS F 58 6.56 28.80 -8.23
CA LYS F 58 5.89 30.01 -7.79
C LYS F 58 5.35 30.82 -8.92
N ARG F 59 4.71 30.14 -9.85
CA ARG F 59 4.05 30.77 -10.96
C ARG F 59 2.57 30.45 -10.96
N LYS F 60 1.86 31.09 -11.86
CA LYS F 60 0.43 30.96 -11.97
C LYS F 60 0.13 30.31 -13.31
N THR F 61 0.90 30.74 -14.31
CA THR F 61 0.67 30.27 -15.66
C THR F 61 1.35 28.94 -15.84
N VAL F 62 0.60 27.98 -16.33
CA VAL F 62 1.12 26.66 -16.62
C VAL F 62 1.72 26.68 -18.02
N THR F 63 2.97 26.26 -18.13
CA THR F 63 3.61 26.25 -19.44
C THR F 63 3.70 24.85 -20.00
N ALA F 64 4.17 24.77 -21.23
CA ALA F 64 4.24 23.49 -21.91
C ALA F 64 5.14 22.54 -21.16
N MET F 65 6.21 23.06 -20.60
CA MET F 65 7.16 22.20 -19.91
C MET F 65 6.56 21.60 -18.66
N ASP F 66 5.66 22.34 -18.02
CA ASP F 66 5.04 21.86 -16.80
C ASP F 66 4.18 20.66 -17.15
N VAL F 67 3.51 20.75 -18.29
CA VAL F 67 2.69 19.66 -18.79
C VAL F 67 3.54 18.48 -19.22
N VAL F 68 4.63 18.77 -19.93
CA VAL F 68 5.48 17.69 -20.41
C VAL F 68 6.07 16.89 -19.27
N TYR F 69 6.55 17.58 -18.24
CA TYR F 69 7.09 16.86 -17.09
C TYR F 69 5.99 16.05 -16.42
N ALA F 70 4.81 16.63 -16.33
CA ALA F 70 3.69 15.96 -15.70
C ALA F 70 3.35 14.67 -16.43
N LEU F 71 3.35 14.72 -17.75
CA LEU F 71 3.04 13.54 -18.53
C LEU F 71 4.16 12.53 -18.45
N LYS F 72 5.37 13.02 -18.51
CA LYS F 72 6.53 12.17 -18.60
C LYS F 72 6.60 11.13 -17.52
N ARG F 73 6.44 11.59 -16.31
CA ARG F 73 6.67 10.75 -15.15
C ARG F 73 5.57 9.75 -14.93
N GLN F 74 4.52 9.82 -15.72
CA GLN F 74 3.42 8.91 -15.56
C GLN F 74 3.57 7.69 -16.44
N GLY F 75 4.74 7.56 -17.06
CA GLY F 75 5.03 6.37 -17.85
C GLY F 75 4.92 6.65 -19.33
N ARG F 76 5.46 7.78 -19.75
CA ARG F 76 5.38 8.17 -21.14
C ARG F 76 6.24 9.38 -21.42
N THR F 77 6.25 9.84 -22.65
CA THR F 77 6.82 11.14 -22.93
C THR F 77 6.19 11.75 -24.16
N LEU F 78 6.14 13.07 -24.19
CA LEU F 78 5.55 13.79 -25.31
C LEU F 78 6.60 14.62 -26.04
N TYR F 79 6.75 14.38 -27.33
CA TYR F 79 7.72 15.11 -28.13
C TYR F 79 7.08 16.24 -28.91
N GLY F 80 7.84 17.33 -29.08
CA GLY F 80 7.44 18.41 -29.97
C GLY F 80 6.99 19.69 -29.28
N PHE F 81 6.81 19.64 -27.96
CA PHE F 81 6.39 20.84 -27.23
C PHE F 81 7.51 21.47 -26.41
N GLY F 82 8.72 21.01 -26.60
CA GLY F 82 9.85 21.57 -25.87
C GLY F 82 10.89 20.50 -25.53
N GLY F 83 11.87 20.90 -24.74
CA GLY F 83 12.97 20.03 -24.37
C GLY F 83 14.30 20.67 -24.75
N ARG G 1 35.09 22.65 23.76
CA ARG G 1 34.01 22.44 22.79
C ARG G 1 32.73 22.00 23.47
N ALA G 2 31.60 22.53 22.98
CA ALA G 2 30.30 22.17 23.52
C ALA G 2 30.00 20.71 23.28
N LYS G 3 29.19 20.13 24.15
CA LYS G 3 28.79 18.75 24.01
C LYS G 3 28.03 18.50 22.72
N ALA G 4 28.41 17.44 22.02
CA ALA G 4 27.74 17.06 20.79
C ALA G 4 26.43 16.32 21.06
N LYS G 5 25.43 16.60 20.23
CA LYS G 5 24.16 15.90 20.32
C LYS G 5 23.68 15.41 18.97
N SER G 6 23.12 14.19 18.94
CA SER G 6 22.58 13.64 17.71
C SER G 6 21.41 14.46 17.19
N ARG G 7 21.41 14.72 15.90
CA ARG G 7 20.34 15.49 15.28
C ARG G 7 19.03 14.75 15.18
N SER G 8 19.08 13.44 15.03
CA SER G 8 17.86 12.68 14.90
C SER G 8 17.04 12.89 16.16
N SER G 9 17.70 12.85 17.30
CA SER G 9 17.01 13.03 18.57
C SER G 9 16.41 14.41 18.63
N ARG G 10 17.16 15.39 18.16
CA ARG G 10 16.71 16.77 18.21
C ARG G 10 15.45 17.03 17.41
N ALA G 11 15.37 16.42 16.23
CA ALA G 11 14.23 16.64 15.36
C ALA G 11 13.05 15.77 15.76
N GLY G 12 13.25 14.93 16.77
CA GLY G 12 12.21 14.01 17.20
C GLY G 12 12.11 12.83 16.26
N LEU G 13 13.20 12.53 15.58
CA LEU G 13 13.24 11.45 14.61
C LEU G 13 14.07 10.29 15.09
N GLN G 14 13.81 9.12 14.52
CA GLN G 14 14.63 7.95 14.78
C GLN G 14 15.61 7.72 13.65
N PHE G 15 15.21 8.11 12.45
CA PHE G 15 16.07 7.98 11.28
C PHE G 15 17.21 8.97 11.37
N PRO G 16 18.40 8.59 10.91
CA PRO G 16 19.62 9.37 10.96
C PRO G 16 19.45 10.59 10.09
N VAL G 17 19.94 11.72 10.57
CA VAL G 17 19.85 12.94 9.78
C VAL G 17 21.15 13.21 9.09
N GLY G 18 22.26 13.07 9.80
CA GLY G 18 23.57 13.36 9.24
C GLY G 18 23.86 12.45 8.07
N ARG G 19 23.42 11.21 8.18
CA ARG G 19 23.66 10.26 7.12
C ARG G 19 22.88 10.61 5.87
N VAL G 20 21.63 10.99 6.05
CA VAL G 20 20.81 11.38 4.93
C VAL G 20 21.38 12.64 4.31
N HIS G 21 21.84 13.55 5.17
CA HIS G 21 22.43 14.79 4.71
C HIS G 21 23.52 14.46 3.71
N ARG G 22 24.30 13.47 4.05
CA ARG G 22 25.35 13.01 3.18
C ARG G 22 24.85 12.34 1.91
N LEU G 23 23.95 11.39 2.05
CA LEU G 23 23.55 10.59 0.90
C LEU G 23 22.89 11.47 -0.15
N LEU G 24 22.28 12.55 0.28
CA LEU G 24 21.65 13.49 -0.63
C LEU G 24 22.66 14.19 -1.52
N ARG G 25 23.93 14.05 -1.20
CA ARG G 25 24.98 14.70 -1.96
C ARG G 25 25.49 13.84 -3.10
N LYS G 26 25.12 12.59 -3.10
CA LYS G 26 25.82 11.68 -3.95
C LYS G 26 24.91 11.17 -5.03
N GLY G 27 25.52 10.76 -6.12
CA GLY G 27 24.81 10.59 -7.38
C GLY G 27 24.62 12.00 -7.90
N ASN G 28 25.29 12.91 -7.21
CA ASN G 28 25.21 14.33 -7.45
C ASN G 28 23.77 14.79 -7.53
N TYR G 29 22.90 14.33 -6.61
CA TYR G 29 21.52 14.75 -6.71
C TYR G 29 21.47 16.25 -6.91
N ALA G 30 22.33 16.94 -6.21
CA ALA G 30 22.51 18.35 -6.46
C ALA G 30 23.91 18.71 -6.04
N GLU G 31 24.41 19.81 -6.56
CA GLU G 31 25.69 20.29 -6.12
C GLU G 31 25.66 20.48 -4.61
N ARG G 32 24.54 20.99 -4.12
CA ARG G 32 24.39 21.36 -2.73
C ARG G 32 23.15 20.81 -2.07
N VAL G 33 23.25 20.55 -0.78
CA VAL G 33 22.10 20.13 0.00
C VAL G 33 21.81 21.09 1.13
N GLY G 34 20.60 21.62 1.16
CA GLY G 34 20.19 22.61 2.14
C GLY G 34 20.07 22.00 3.52
N ALA G 35 20.15 22.85 4.54
CA ALA G 35 20.14 22.38 5.92
C ALA G 35 18.87 21.63 6.31
N GLY G 36 17.73 22.05 5.75
CA GLY G 36 16.48 21.44 6.15
C GLY G 36 16.11 20.25 5.29
N ALA G 37 16.89 19.98 4.25
CA ALA G 37 16.52 18.89 3.36
C ALA G 37 16.66 17.52 4.03
N PRO G 38 17.79 17.22 4.69
CA PRO G 38 18.05 15.97 5.36
C PRO G 38 17.00 15.67 6.40
N VAL G 39 16.54 16.72 7.06
CA VAL G 39 15.57 16.58 8.13
C VAL G 39 14.21 16.28 7.56
N TYR G 40 13.83 17.02 6.53
CA TYR G 40 12.53 16.82 5.94
C TYR G 40 12.44 15.40 5.45
N MET G 41 13.47 14.96 4.74
CA MET G 41 13.48 13.62 4.20
C MET G 41 13.49 12.55 5.26
N ALA G 42 14.31 12.72 6.30
CA ALA G 42 14.37 11.69 7.31
C ALA G 42 13.00 11.47 7.92
N ALA G 43 12.26 12.55 8.11
CA ALA G 43 10.92 12.46 8.65
C ALA G 43 10.00 11.69 7.72
N VAL G 44 10.17 11.89 6.43
CA VAL G 44 9.33 11.21 5.44
C VAL G 44 9.62 9.73 5.41
N LEU G 45 10.88 9.37 5.40
CA LEU G 45 11.25 7.97 5.35
C LEU G 45 10.73 7.27 6.59
N GLU G 46 10.86 7.95 7.73
CA GLU G 46 10.39 7.38 8.98
C GLU G 46 8.88 7.21 8.98
N TYR G 47 8.16 8.19 8.47
CA TYR G 47 6.71 8.08 8.42
C TYR G 47 6.29 6.87 7.63
N LEU G 48 6.83 6.72 6.44
CA LEU G 48 6.44 5.60 5.59
C LEU G 48 6.83 4.29 6.20
N THR G 49 7.99 4.26 6.85
CA THR G 49 8.47 3.06 7.49
C THR G 49 7.48 2.63 8.56
N ALA G 50 7.03 3.59 9.34
CA ALA G 50 6.08 3.30 10.40
C ALA G 50 4.78 2.74 9.86
N GLU G 51 4.29 3.30 8.75
CA GLU G 51 3.02 2.83 8.23
C GLU G 51 3.10 1.39 7.79
N ILE G 52 4.18 1.02 7.16
CA ILE G 52 4.33 -0.34 6.71
C ILE G 52 4.48 -1.30 7.87
N LEU G 53 5.33 -0.93 8.82
CA LEU G 53 5.57 -1.82 9.95
C LEU G 53 4.33 -1.97 10.79
N GLU G 54 3.57 -0.91 10.95
CA GLU G 54 2.38 -1.00 11.78
C GLU G 54 1.37 -1.93 11.16
N LEU G 55 1.14 -1.78 9.87
CA LEU G 55 0.16 -2.60 9.19
C LEU G 55 0.63 -4.05 9.12
N ALA G 56 1.92 -4.25 8.89
CA ALA G 56 2.47 -5.59 8.85
C ALA G 56 2.37 -6.24 10.23
N GLY G 57 2.59 -5.46 11.27
CA GLY G 57 2.48 -5.98 12.62
C GLY G 57 1.05 -6.43 12.88
N ASN G 58 0.08 -5.70 12.35
CA ASN G 58 -1.31 -6.08 12.54
C ASN G 58 -1.59 -7.41 11.85
N ALA G 59 -1.01 -7.59 10.67
CA ALA G 59 -1.16 -8.86 9.97
C ALA G 59 -0.53 -9.99 10.75
N ALA G 60 0.62 -9.71 11.38
CA ALA G 60 1.29 -10.71 12.16
C ALA G 60 0.43 -11.15 13.33
N ARG G 61 -0.26 -10.20 13.94
CA ARG G 61 -1.15 -10.49 15.06
C ARG G 61 -2.36 -11.28 14.62
N ASP G 62 -2.88 -11.00 13.44
CA ASP G 62 -4.01 -11.74 12.93
C ASP G 62 -3.66 -13.22 12.80
N ASN G 63 -2.40 -13.48 12.49
CA ASN G 63 -1.92 -14.85 12.34
C ASN G 63 -1.30 -15.37 13.62
N LYS G 64 -1.52 -14.64 14.72
CA LYS G 64 -1.06 -15.04 16.05
C LYS G 64 0.46 -15.15 16.14
N LYS G 65 1.18 -14.20 15.56
CA LYS G 65 2.62 -14.22 15.60
C LYS G 65 3.18 -13.11 16.46
N THR G 66 4.48 -13.18 16.72
CA THR G 66 5.13 -12.16 17.52
C THR G 66 6.13 -11.37 16.68
N ARG G 67 6.04 -11.51 15.37
CA ARG G 67 6.95 -10.80 14.49
C ARG G 67 6.47 -10.68 13.06
N ILE G 68 7.13 -9.80 12.33
CA ILE G 68 6.90 -9.59 10.93
C ILE G 68 7.79 -10.44 10.04
N ILE G 69 7.20 -11.11 9.07
CA ILE G 69 7.96 -11.83 8.05
C ILE G 69 7.56 -11.22 6.70
N PRO G 70 8.30 -11.48 5.61
CA PRO G 70 8.13 -10.90 4.28
C PRO G 70 6.69 -10.93 3.81
N ARG G 71 5.99 -11.98 4.20
CA ARG G 71 4.60 -12.14 3.86
C ARG G 71 3.70 -11.09 4.48
N HIS G 72 3.99 -10.72 5.71
CA HIS G 72 3.16 -9.78 6.42
C HIS G 72 3.34 -8.42 5.80
N LEU G 73 4.56 -8.16 5.33
CA LEU G 73 4.82 -6.91 4.65
C LEU G 73 4.00 -6.87 3.38
N GLN G 74 3.94 -7.99 2.68
CA GLN G 74 3.17 -8.06 1.44
C GLN G 74 1.69 -7.84 1.65
N LEU G 75 1.14 -8.46 2.68
CA LEU G 75 -0.29 -8.34 2.90
C LEU G 75 -0.65 -6.92 3.28
N ALA G 76 0.19 -6.32 4.12
CA ALA G 76 -0.05 -4.97 4.57
C ALA G 76 -0.01 -3.99 3.41
N ILE G 77 0.98 -4.15 2.56
CA ILE G 77 1.18 -3.22 1.46
C ILE G 77 0.06 -3.30 0.47
N ARG G 78 -0.36 -4.50 0.13
CA ARG G 78 -1.38 -4.65 -0.88
C ARG G 78 -2.78 -4.28 -0.41
N ASN G 79 -3.09 -4.58 0.84
CA ASN G 79 -4.42 -4.26 1.34
C ASN G 79 -4.61 -2.76 1.45
N ASP G 80 -3.52 -2.05 1.71
CA ASP G 80 -3.55 -0.59 1.79
C ASP G 80 -3.40 0.03 0.41
N GLU G 81 -4.47 0.62 -0.08
CA GLU G 81 -4.51 1.11 -1.45
C GLU G 81 -3.37 2.05 -1.81
N GLU G 82 -2.99 2.93 -0.89
CA GLU G 82 -1.99 3.94 -1.23
C GLU G 82 -0.59 3.36 -1.19
N LEU G 83 -0.35 2.48 -0.24
CA LEU G 83 0.94 1.80 -0.20
C LEU G 83 1.04 0.81 -1.35
N ASN G 84 -0.10 0.23 -1.73
CA ASN G 84 -0.14 -0.72 -2.81
C ASN G 84 0.46 -0.08 -4.03
N LYS G 85 -0.02 1.10 -4.35
CA LYS G 85 0.45 1.81 -5.53
C LYS G 85 1.88 2.29 -5.42
N LEU G 86 2.25 2.84 -4.28
CA LEU G 86 3.60 3.38 -4.14
C LEU G 86 4.59 2.29 -4.49
N LEU G 87 4.27 1.08 -4.08
CA LEU G 87 5.09 -0.09 -4.31
C LEU G 87 4.40 -1.05 -5.28
N GLY G 88 3.64 -0.49 -6.22
CA GLY G 88 2.78 -1.28 -7.11
C GLY G 88 3.55 -2.15 -8.08
N LYS G 89 4.82 -1.86 -8.27
CA LYS G 89 5.63 -2.68 -9.15
C LYS G 89 6.66 -3.47 -8.41
N VAL G 90 6.58 -3.47 -7.10
CA VAL G 90 7.58 -4.16 -6.31
C VAL G 90 7.26 -5.62 -6.12
N THR G 91 8.26 -6.45 -6.35
CA THR G 91 8.15 -7.86 -6.07
C THR G 91 8.78 -8.12 -4.73
N ILE G 92 8.03 -8.74 -3.84
CA ILE G 92 8.54 -9.03 -2.51
C ILE G 92 8.99 -10.48 -2.43
N ALA G 93 10.23 -10.68 -2.03
CA ALA G 93 10.71 -12.04 -1.86
C ALA G 93 9.81 -12.75 -0.86
N GLN G 94 9.30 -13.90 -1.25
CA GLN G 94 8.40 -14.67 -0.42
C GLN G 94 7.17 -13.89 0.02
N GLY G 95 6.66 -13.01 -0.84
CA GLY G 95 5.48 -12.25 -0.49
C GLY G 95 4.20 -13.06 -0.61
N GLY G 96 4.15 -13.95 -1.60
CA GLY G 96 2.92 -14.66 -1.93
C GLY G 96 1.95 -13.67 -2.56
N VAL G 97 0.68 -14.04 -2.65
CA VAL G 97 -0.32 -13.14 -3.23
C VAL G 97 -1.53 -13.05 -2.33
N LEU G 98 -2.41 -12.09 -2.60
CA LEU G 98 -3.66 -12.04 -1.86
C LEU G 98 -4.55 -13.17 -2.33
N PRO G 99 -5.36 -13.75 -1.43
CA PRO G 99 -6.27 -14.85 -1.68
C PRO G 99 -7.54 -14.39 -2.39
N ASN G 100 -7.37 -13.88 -3.61
CA ASN G 100 -8.49 -13.41 -4.40
C ASN G 100 -8.96 -14.44 -5.42
N ILE G 101 -10.14 -14.98 -5.22
CA ILE G 101 -10.70 -15.97 -6.13
C ILE G 101 -11.91 -15.39 -6.83
N GLN G 102 -11.91 -15.41 -8.15
CA GLN G 102 -13.01 -14.84 -8.91
C GLN G 102 -14.32 -15.57 -8.62
N ALA G 103 -15.37 -14.80 -8.39
CA ALA G 103 -16.67 -15.34 -8.02
C ALA G 103 -17.25 -16.30 -9.06
N VAL G 104 -16.93 -16.07 -10.32
CA VAL G 104 -17.48 -16.88 -11.40
C VAL G 104 -16.93 -18.30 -11.39
N LEU G 105 -15.88 -18.52 -10.62
CA LEU G 105 -15.25 -19.82 -10.55
C LEU G 105 -15.83 -20.66 -9.43
N LEU G 106 -16.63 -20.05 -8.58
CA LEU G 106 -17.17 -20.74 -7.41
C LEU G 106 -18.55 -21.31 -7.71
N PRO G 107 -18.82 -22.55 -7.29
CA PRO G 107 -20.07 -23.27 -7.45
C PRO G 107 -21.13 -22.77 -6.51
N LYS G 108 -22.39 -22.95 -6.91
CA LYS G 108 -23.54 -22.71 -6.04
C LYS G 108 -24.83 -23.04 -6.78
N ARG H 1 35.23 -7.72 5.03
CA ARG H 1 35.56 -7.05 6.32
C ARG H 1 35.41 -5.54 6.15
N SER H 2 34.30 -5.11 5.54
CA SER H 2 34.05 -3.66 5.33
C SER H 2 32.80 -3.27 6.10
N ARG H 3 32.81 -2.14 6.82
CA ARG H 3 31.56 -1.73 7.47
C ARG H 3 30.52 -1.55 6.36
N LYS H 4 29.36 -2.21 6.49
CA LYS H 4 28.29 -2.10 5.47
C LYS H 4 27.13 -1.37 6.13
N GLU H 5 26.57 -0.35 5.47
CA GLU H 5 25.55 0.44 6.12
C GLU H 5 24.17 -0.11 5.81
N SER H 6 23.27 0.04 6.76
CA SER H 6 21.88 -0.34 6.56
C SER H 6 21.03 0.46 7.50
N TYR H 7 19.73 0.27 7.44
CA TYR H 7 18.85 0.97 8.32
C TYR H 7 18.28 0.03 9.36
N SER H 8 18.90 -1.13 9.50
CA SER H 8 18.35 -2.16 10.36
C SER H 8 18.11 -1.65 11.76
N VAL H 9 19.02 -0.85 12.26
CA VAL H 9 18.88 -0.33 13.61
C VAL H 9 17.73 0.66 13.74
N TYR H 10 17.46 1.41 12.69
CA TYR H 10 16.42 2.43 12.76
C TYR H 10 15.07 1.80 12.56
N VAL H 11 15.03 0.76 11.74
CA VAL H 11 13.80 0.04 11.50
C VAL H 11 13.33 -0.61 12.78
N TYR H 12 14.25 -1.20 13.53
CA TYR H 12 13.88 -1.77 14.81
C TYR H 12 13.21 -0.75 15.69
N LYS H 13 13.78 0.42 15.78
CA LYS H 13 13.25 1.43 16.67
C LYS H 13 11.86 1.86 16.30
N VAL H 14 11.61 2.01 15.02
CA VAL H 14 10.28 2.40 14.62
C VAL H 14 9.30 1.30 14.99
N LEU H 15 9.72 0.07 14.78
CA LEU H 15 8.88 -1.07 15.08
C LEU H 15 8.44 -1.05 16.54
N LYS H 16 9.32 -0.58 17.41
CA LYS H 16 9.01 -0.57 18.83
C LYS H 16 7.95 0.43 19.21
N GLN H 17 7.78 1.46 18.40
CA GLN H 17 6.82 2.47 18.75
C GLN H 17 5.44 2.04 18.30
N VAL H 18 5.40 1.34 17.18
CA VAL H 18 4.13 0.85 16.66
C VAL H 18 3.71 -0.46 17.33
N HIS H 19 4.67 -1.36 17.52
CA HIS H 19 4.41 -2.66 18.13
C HIS H 19 5.53 -3.08 19.07
N PRO H 20 5.54 -2.56 20.30
CA PRO H 20 6.55 -2.74 21.32
C PRO H 20 6.88 -4.20 21.61
N ASP H 21 5.91 -5.09 21.43
CA ASP H 21 6.11 -6.49 21.76
C ASP H 21 6.50 -7.39 20.59
N THR H 22 6.69 -6.83 19.41
CA THR H 22 6.97 -7.70 18.27
C THR H 22 8.37 -7.54 17.75
N GLY H 23 8.80 -8.56 17.01
CA GLY H 23 10.11 -8.54 16.36
C GLY H 23 9.96 -8.55 14.85
N ILE H 24 11.06 -8.87 14.18
CA ILE H 24 11.07 -8.89 12.73
C ILE H 24 12.14 -9.86 12.24
N SER H 25 11.82 -10.61 11.20
CA SER H 25 12.77 -11.57 10.66
C SER H 25 13.89 -10.87 9.92
N SER H 26 14.98 -11.59 9.67
CA SER H 26 16.11 -11.00 8.98
C SER H 26 15.76 -10.68 7.54
N LYS H 27 14.81 -11.42 6.99
CA LYS H 27 14.39 -11.22 5.63
C LYS H 27 13.51 -10.00 5.54
N ALA H 28 12.59 -9.87 6.48
CA ALA H 28 11.73 -8.71 6.49
C ALA H 28 12.58 -7.48 6.66
N MET H 29 13.65 -7.61 7.44
CA MET H 29 14.55 -6.49 7.63
C MET H 29 15.27 -6.17 6.34
N GLY H 30 15.70 -7.20 5.62
CA GLY H 30 16.36 -6.99 4.35
C GLY H 30 15.43 -6.28 3.38
N ILE H 31 14.15 -6.63 3.44
CA ILE H 31 13.15 -5.99 2.61
C ILE H 31 12.97 -4.55 3.00
N MET H 32 12.91 -4.26 4.29
CA MET H 32 12.76 -2.88 4.73
C MET H 32 13.96 -2.04 4.31
N ASN H 33 15.13 -2.64 4.26
CA ASN H 33 16.30 -1.91 3.79
C ASN H 33 16.20 -1.62 2.30
N SER H 34 15.69 -2.58 1.53
CA SER H 34 15.51 -2.37 0.10
C SER H 34 14.47 -1.27 -0.11
N PHE H 35 13.43 -1.30 0.70
CA PHE H 35 12.37 -0.31 0.63
C PHE H 35 12.88 1.10 0.88
N VAL H 36 13.62 1.29 1.96
CA VAL H 36 14.09 2.62 2.29
C VAL H 36 14.97 3.18 1.21
N ASN H 37 15.87 2.35 0.69
CA ASN H 37 16.75 2.82 -0.36
C ASN H 37 16.00 3.16 -1.64
N ASP H 38 14.91 2.45 -1.89
CA ASP H 38 14.13 2.74 -3.07
C ASP H 38 13.46 4.11 -2.93
N ILE H 39 12.80 4.34 -1.80
CA ILE H 39 12.11 5.60 -1.62
C ILE H 39 13.10 6.75 -1.57
N PHE H 40 14.20 6.55 -0.88
CA PHE H 40 15.21 7.59 -0.79
C PHE H 40 15.65 8.03 -2.16
N GLU H 41 15.99 7.06 -3.02
CA GLU H 41 16.49 7.40 -4.34
C GLU H 41 15.47 8.17 -5.14
N ARG H 42 14.21 7.78 -5.05
CA ARG H 42 13.19 8.45 -5.85
C ARG H 42 13.04 9.89 -5.45
N ILE H 43 12.97 10.13 -4.15
CA ILE H 43 12.74 11.49 -3.67
C ILE H 43 13.93 12.35 -3.98
N ALA H 44 15.12 11.81 -3.71
CA ALA H 44 16.33 12.55 -4.01
C ALA H 44 16.44 12.79 -5.50
N GLY H 45 16.01 11.81 -6.29
CA GLY H 45 16.05 11.90 -7.73
C GLY H 45 15.14 12.99 -8.25
N GLU H 46 13.91 13.04 -7.75
CA GLU H 46 12.98 14.04 -8.19
C GLU H 46 13.39 15.42 -7.69
N ALA H 47 13.89 15.49 -6.47
CA ALA H 47 14.34 16.75 -5.93
C ALA H 47 15.49 17.29 -6.77
N SER H 48 16.34 16.38 -7.25
CA SER H 48 17.43 16.76 -8.14
C SER H 48 16.88 17.41 -9.39
N ARG H 49 15.88 16.78 -9.97
CA ARG H 49 15.27 17.28 -11.17
C ARG H 49 14.61 18.62 -10.98
N LEU H 50 13.92 18.81 -9.88
CA LEU H 50 13.26 20.08 -9.64
C LEU H 50 14.30 21.18 -9.56
N ALA H 51 15.40 20.90 -8.90
CA ALA H 51 16.47 21.88 -8.79
C ALA H 51 17.02 22.20 -10.17
N HIS H 52 17.15 21.18 -11.01
CA HIS H 52 17.67 21.39 -12.35
C HIS H 52 16.70 22.20 -13.19
N TYR H 53 15.44 21.79 -13.18
CA TYR H 53 14.41 22.42 -13.98
C TYR H 53 14.26 23.89 -13.65
N ASN H 54 14.33 24.22 -12.37
CA ASN H 54 14.12 25.59 -11.95
C ASN H 54 15.46 26.27 -11.76
N LYS H 55 16.47 25.71 -12.41
CA LYS H 55 17.77 26.36 -12.48
C LYS H 55 18.41 26.67 -11.13
N ARG H 56 18.69 25.62 -10.34
CA ARG H 56 19.28 25.75 -9.03
C ARG H 56 20.42 24.77 -8.82
N SER H 57 21.26 25.07 -7.85
CA SER H 57 22.34 24.18 -7.49
C SER H 57 22.06 23.50 -6.16
N THR H 58 20.96 23.88 -5.52
CA THR H 58 20.69 23.41 -4.17
C THR H 58 19.34 22.74 -4.04
N ILE H 59 19.32 21.63 -3.31
CA ILE H 59 18.08 21.01 -2.86
C ILE H 59 17.73 21.50 -1.48
N THR H 60 16.53 22.03 -1.32
CA THR H 60 16.09 22.52 -0.03
C THR H 60 14.89 21.73 0.40
N SER H 61 14.30 22.12 1.52
CA SER H 61 13.14 21.41 2.04
C SER H 61 11.97 21.48 1.08
N ARG H 62 11.96 22.46 0.17
CA ARG H 62 10.86 22.57 -0.77
C ARG H 62 10.96 21.55 -1.87
N GLU H 63 12.14 21.35 -2.40
CA GLU H 63 12.29 20.35 -3.44
C GLU H 63 11.94 19.00 -2.89
N ILE H 64 12.27 18.77 -1.63
CA ILE H 64 11.91 17.51 -1.02
C ILE H 64 10.40 17.44 -0.88
N GLN H 65 9.79 18.52 -0.41
CA GLN H 65 8.35 18.56 -0.23
C GLN H 65 7.59 18.32 -1.52
N THR H 66 8.01 19.01 -2.57
CA THR H 66 7.38 18.87 -3.87
C THR H 66 7.59 17.47 -4.40
N ALA H 67 8.80 16.95 -4.21
CA ALA H 67 9.10 15.60 -4.65
C ALA H 67 8.18 14.60 -3.99
N VAL H 68 7.89 14.82 -2.72
CA VAL H 68 7.01 13.91 -1.99
C VAL H 68 5.63 13.92 -2.62
N ARG H 69 5.13 15.10 -2.93
CA ARG H 69 3.80 15.19 -3.49
C ARG H 69 3.69 14.48 -4.82
N LEU H 70 4.72 14.60 -5.64
CA LEU H 70 4.71 14.01 -6.95
C LEU H 70 4.84 12.50 -6.89
N LEU H 71 5.61 12.01 -5.93
CA LEU H 71 5.88 10.58 -5.83
C LEU H 71 4.84 9.81 -5.04
N LEU H 72 4.30 10.40 -4.00
CA LEU H 72 3.36 9.66 -3.15
C LEU H 72 1.94 10.01 -3.56
N PRO H 73 1.03 9.03 -3.55
CA PRO H 73 -0.38 9.16 -3.85
C PRO H 73 -1.20 9.69 -2.69
N GLY H 74 -2.33 10.31 -3.02
CA GLY H 74 -3.42 10.52 -2.08
C GLY H 74 -3.01 11.22 -0.79
N GLU H 75 -3.48 10.67 0.33
CA GLU H 75 -3.19 11.22 1.63
C GLU H 75 -1.83 10.81 2.13
N LEU H 76 -1.35 9.67 1.67
CA LEU H 76 -0.07 9.18 2.12
C LEU H 76 0.96 10.26 1.90
N ALA H 77 0.87 10.91 0.74
CA ALA H 77 1.73 12.04 0.42
C ALA H 77 1.55 13.18 1.39
N LYS H 78 0.33 13.40 1.81
CA LYS H 78 0.04 14.52 2.68
C LYS H 78 0.64 14.35 4.05
N HIS H 79 0.50 13.17 4.61
CA HIS H 79 1.00 12.94 5.94
C HIS H 79 2.50 13.04 5.94
N ALA H 80 3.12 12.56 4.87
CA ALA H 80 4.55 12.69 4.74
C ALA H 80 4.93 14.17 4.74
N VAL H 81 4.14 14.99 4.07
CA VAL H 81 4.40 16.42 4.05
C VAL H 81 4.22 17.04 5.42
N SER H 82 3.17 16.65 6.12
CA SER H 82 2.92 17.20 7.44
C SER H 82 4.07 16.90 8.38
N GLU H 83 4.55 15.67 8.36
CA GLU H 83 5.62 15.24 9.24
C GLU H 83 6.93 15.92 8.90
N GLY H 84 7.20 16.06 7.61
CA GLY H 84 8.42 16.71 7.14
C GLY H 84 8.41 18.17 7.53
N THR H 85 7.31 18.84 7.22
CA THR H 85 7.18 20.26 7.48
C THR H 85 7.50 20.53 8.92
N LYS H 86 6.94 19.70 9.79
CA LYS H 86 7.15 19.83 11.20
C LYS H 86 8.57 19.57 11.63
N ALA H 87 9.15 18.48 11.15
CA ALA H 87 10.49 18.11 11.61
C ALA H 87 11.45 19.24 11.34
N VAL H 88 11.28 19.91 10.21
CA VAL H 88 12.13 21.03 9.87
C VAL H 88 11.80 22.22 10.75
N THR H 89 10.52 22.50 10.91
CA THR H 89 10.09 23.64 11.72
C THR H 89 10.70 23.55 13.10
N LYS H 90 10.68 22.36 13.65
CA LYS H 90 11.25 22.11 14.95
C LYS H 90 12.76 22.11 14.96
N TYR H 91 13.36 21.45 13.99
CA TYR H 91 14.81 21.37 13.94
C TYR H 91 15.42 22.76 14.00
N THR H 92 14.88 23.68 13.24
CA THR H 92 15.42 25.03 13.16
C THR H 92 15.05 25.85 14.38
N SER H 93 14.18 25.30 15.21
CA SER H 93 13.73 25.98 16.42
C SER H 93 14.32 25.32 17.66
N ALA H 94 15.21 24.36 17.45
CA ALA H 94 15.78 23.58 18.54
C ALA H 94 17.29 23.67 18.54
N GLY K 1 -13.96 -23.21 58.43
CA GLY K 1 -14.60 -21.99 57.94
C GLY K 1 -15.20 -22.23 56.57
N ALA K 2 -14.90 -23.38 56.00
CA ALA K 2 -15.28 -23.70 54.63
C ALA K 2 -16.68 -24.27 54.52
N SER K 3 -17.17 -24.91 55.58
CA SER K 3 -18.44 -25.63 55.49
C SER K 3 -19.61 -24.68 55.22
N LYS K 4 -19.67 -23.58 55.95
CA LYS K 4 -20.74 -22.61 55.77
C LYS K 4 -20.68 -21.98 54.39
N LEU K 5 -19.47 -21.75 53.92
CA LEU K 5 -19.22 -21.20 52.61
C LEU K 5 -19.66 -22.16 51.52
N ARG K 6 -19.43 -23.46 51.73
CA ARG K 6 -19.84 -24.45 50.76
C ARG K 6 -21.36 -24.48 50.60
N ALA K 7 -22.08 -24.35 51.71
CA ALA K 7 -23.54 -24.32 51.64
C ALA K 7 -24.03 -23.11 50.86
N VAL K 8 -23.37 -21.97 51.08
CA VAL K 8 -23.69 -20.76 50.35
C VAL K 8 -23.46 -20.94 48.85
N LEU K 9 -22.30 -21.48 48.50
CA LEU K 9 -21.95 -21.69 47.10
C LEU K 9 -22.94 -22.61 46.42
N GLU K 10 -23.35 -23.68 47.11
CA GLU K 10 -24.35 -24.59 46.57
C GLU K 10 -25.68 -23.87 46.32
N LYS K 11 -26.08 -23.03 47.27
CA LYS K 11 -27.32 -22.27 47.13
C LYS K 11 -27.25 -21.36 45.90
N LEU K 12 -26.11 -20.69 45.71
CA LEU K 12 -25.96 -19.74 44.62
C LEU K 12 -25.99 -20.44 43.27
N LYS K 13 -25.34 -21.61 43.19
CA LYS K 13 -25.35 -22.36 41.94
C LYS K 13 -26.75 -22.82 41.59
N LEU K 14 -27.44 -23.42 42.55
CA LEU K 14 -28.76 -23.99 42.31
C LEU K 14 -29.78 -22.95 41.82
N SER K 15 -29.63 -21.71 42.25
CA SER K 15 -30.50 -20.63 41.80
C SER K 15 -30.37 -20.34 40.31
N ARG K 16 -29.32 -20.88 39.68
CA ARG K 16 -29.09 -20.65 38.27
C ARG K 16 -29.54 -21.81 37.38
N ASP K 17 -29.98 -22.91 37.98
CA ASP K 17 -30.49 -24.03 37.18
C ASP K 17 -31.75 -23.63 36.43
N ASP K 18 -32.34 -22.53 36.85
CA ASP K 18 -33.60 -22.03 36.29
C ASP K 18 -33.37 -21.12 35.08
N ILE K 19 -32.12 -20.73 34.84
CA ILE K 19 -31.85 -19.64 33.91
C ILE K 19 -32.07 -19.98 32.44
N SER K 20 -31.88 -21.24 32.04
CA SER K 20 -31.87 -21.60 30.62
C SER K 20 -32.95 -20.88 29.80
N THR K 21 -34.12 -20.64 30.40
CA THR K 21 -35.21 -19.96 29.72
C THR K 21 -34.96 -18.47 29.69
N ALA K 22 -34.43 -17.93 30.78
CA ALA K 22 -34.12 -16.51 30.83
C ALA K 22 -33.09 -16.18 29.78
N ALA K 23 -32.08 -17.03 29.65
CA ALA K 23 -31.06 -16.85 28.64
C ALA K 23 -31.67 -16.86 27.25
N GLY K 24 -32.68 -17.72 27.07
CA GLY K 24 -33.42 -17.79 25.80
C GLY K 24 -34.08 -16.47 25.46
N MET K 25 -34.78 -15.89 26.44
CA MET K 25 -35.44 -14.61 26.23
C MET K 25 -34.45 -13.51 25.89
N VAL K 26 -33.28 -13.52 26.54
CA VAL K 26 -32.25 -12.53 26.26
C VAL K 26 -31.78 -12.68 24.83
N LYS K 27 -31.48 -13.91 24.42
CA LYS K 27 -31.05 -14.22 23.07
C LYS K 27 -32.04 -13.74 22.02
N GLY K 28 -33.33 -14.00 22.25
CA GLY K 28 -34.34 -13.54 21.33
C GLY K 28 -34.22 -12.05 21.07
N VAL K 29 -34.11 -11.28 22.16
CA VAL K 29 -34.00 -9.84 22.03
C VAL K 29 -32.68 -9.43 21.37
N VAL K 30 -31.59 -10.05 21.78
CA VAL K 30 -30.28 -9.67 21.25
C VAL K 30 -30.16 -9.94 19.75
N ASP K 31 -30.56 -11.12 19.30
CA ASP K 31 -30.49 -11.44 17.88
C ASP K 31 -31.30 -10.45 17.06
N HIS K 32 -32.47 -10.10 17.57
CA HIS K 32 -33.33 -9.14 16.92
C HIS K 32 -32.61 -7.80 16.73
N LEU K 33 -32.01 -7.31 17.80
CA LEU K 33 -31.32 -6.03 17.76
C LEU K 33 -30.14 -6.06 16.80
N LEU K 34 -29.42 -7.16 16.79
CA LEU K 34 -28.23 -7.26 15.95
C LEU K 34 -28.60 -7.19 14.47
N LEU K 35 -29.77 -7.71 14.12
CA LEU K 35 -30.25 -7.62 12.73
C LEU K 35 -30.41 -6.16 12.33
N ARG K 36 -30.96 -5.35 13.22
CA ARG K 36 -31.18 -3.96 12.88
C ARG K 36 -29.86 -3.22 12.80
N LEU K 37 -29.00 -3.49 13.76
CA LEU K 37 -27.73 -2.82 13.78
C LEU K 37 -26.97 -3.17 12.51
N LYS K 38 -27.05 -4.43 12.08
CA LYS K 38 -26.39 -4.82 10.83
C LYS K 38 -26.99 -4.13 9.60
N CYS K 39 -28.25 -3.71 9.70
CA CYS K 39 -28.89 -2.95 8.63
C CYS K 39 -28.43 -1.49 8.62
N ASP K 40 -27.97 -1.02 9.76
CA ASP K 40 -27.52 0.35 9.91
C ASP K 40 -26.10 0.49 9.39
N SER K 41 -25.86 1.50 8.57
CA SER K 41 -24.55 1.67 7.97
C SER K 41 -23.43 1.84 9.00
N ALA K 42 -23.74 2.43 10.16
CA ALA K 42 -22.72 2.67 11.18
C ALA K 42 -22.33 1.44 11.98
N PHE K 43 -23.28 0.52 12.15
CA PHE K 43 -23.08 -0.63 13.01
C PHE K 43 -23.05 -1.93 12.24
N ARG K 44 -22.81 -1.85 10.95
CA ARG K 44 -22.91 -3.01 10.08
C ARG K 44 -22.00 -4.16 10.51
N GLY K 45 -20.86 -3.83 11.14
CA GLY K 45 -19.90 -4.85 11.59
C GLY K 45 -20.11 -5.30 13.03
N VAL K 46 -21.23 -4.93 13.64
CA VAL K 46 -21.44 -5.19 15.06
C VAL K 46 -21.60 -6.68 15.34
N GLY K 47 -21.15 -7.12 16.52
CA GLY K 47 -21.35 -8.49 16.94
C GLY K 47 -21.11 -8.67 18.44
N LEU K 48 -21.41 -9.84 18.95
CA LEU K 48 -21.20 -10.17 20.36
C LEU K 48 -19.73 -10.35 20.71
N LEU K 49 -19.32 -9.85 21.87
CA LEU K 49 -17.95 -10.09 22.35
C LEU K 49 -17.77 -11.51 22.83
N ASN K 50 -18.61 -11.93 23.77
CA ASN K 50 -18.51 -13.29 24.29
C ASN K 50 -19.13 -14.28 23.32
N THR K 51 -18.44 -14.49 22.21
CA THR K 51 -18.92 -15.33 21.11
C THR K 51 -19.33 -16.71 21.59
N GLY K 52 -20.52 -17.13 21.17
CA GLY K 52 -21.09 -18.40 21.57
C GLY K 52 -22.02 -18.29 22.78
N SER K 53 -22.12 -17.10 23.36
CA SER K 53 -22.98 -16.90 24.52
C SER K 53 -23.80 -15.63 24.39
N TYR K 54 -25.04 -15.70 24.86
CA TYR K 54 -25.91 -14.53 24.92
C TYR K 54 -26.12 -14.06 26.33
N TYR K 55 -25.32 -14.59 27.25
CA TYR K 55 -25.46 -14.23 28.64
C TYR K 55 -24.14 -14.31 29.37
N GLU K 56 -23.98 -13.39 30.30
CA GLU K 56 -22.88 -13.32 31.23
C GLU K 56 -23.40 -12.67 32.49
N HIS K 57 -23.11 -13.23 33.65
CA HIS K 57 -23.62 -12.63 34.86
C HIS K 57 -22.48 -12.04 35.66
N VAL K 58 -22.43 -10.72 35.65
CA VAL K 58 -21.40 -9.99 36.36
C VAL K 58 -21.61 -10.08 37.87
N LYS K 59 -22.87 -10.02 38.28
CA LYS K 59 -23.23 -10.09 39.70
C LYS K 59 -23.71 -11.48 40.10
N ILE K 60 -23.00 -12.10 41.04
CA ILE K 60 -23.30 -13.47 41.45
C ILE K 60 -24.67 -13.62 42.13
N SER K 61 -25.14 -12.57 42.79
CA SER K 61 -26.42 -12.66 43.49
C SER K 61 -27.55 -12.07 42.66
N ALA K 62 -27.30 -11.82 41.39
CA ALA K 62 -28.33 -11.32 40.51
C ALA K 62 -28.46 -12.18 39.26
N PRO K 63 -29.06 -13.37 39.36
CA PRO K 63 -29.16 -14.34 38.28
C PRO K 63 -30.08 -13.84 37.17
N ASN K 64 -30.95 -12.89 37.50
CA ASN K 64 -31.86 -12.35 36.51
C ASN K 64 -31.32 -11.09 35.82
N GLU K 65 -30.07 -10.74 36.13
CA GLU K 65 -29.44 -9.57 35.55
C GLU K 65 -28.35 -9.99 34.58
N PHE K 66 -28.56 -9.68 33.30
CA PHE K 66 -27.66 -10.09 32.24
C PHE K 66 -26.81 -8.94 31.72
N ASP K 67 -25.64 -9.29 31.23
CA ASP K 67 -24.69 -8.32 30.69
C ASP K 67 -24.16 -8.81 29.35
N VAL K 68 -24.40 -8.05 28.31
CA VAL K 68 -23.92 -8.41 26.98
C VAL K 68 -23.18 -7.24 26.36
N MET K 69 -22.19 -7.54 25.54
CA MET K 69 -21.45 -6.48 24.88
C MET K 69 -21.57 -6.60 23.37
N PHE K 70 -21.90 -5.47 22.74
CA PHE K 70 -21.95 -5.36 21.29
C PHE K 70 -20.68 -4.63 20.87
N LYS K 71 -19.83 -5.33 20.14
CA LYS K 71 -18.56 -4.75 19.72
C LYS K 71 -18.62 -4.23 18.30
N LEU K 72 -17.81 -3.22 18.03
CA LEU K 72 -17.75 -2.56 16.74
C LEU K 72 -16.28 -2.31 16.37
N GLU K 73 -15.83 -2.91 15.29
CA GLU K 73 -14.43 -2.76 14.89
C GLU K 73 -14.07 -1.38 14.37
N VAL K 74 -12.93 -0.87 14.86
CA VAL K 74 -12.29 0.35 14.40
C VAL K 74 -10.90 0.05 13.88
N PRO K 75 -10.71 -0.02 12.57
CA PRO K 75 -9.59 -0.67 11.92
C PRO K 75 -8.24 -0.04 12.25
N ARG K 76 -8.22 1.25 12.57
CA ARG K 76 -7.02 1.91 13.05
C ARG K 76 -7.37 3.13 13.83
N ILE K 77 -6.88 3.21 15.05
CA ILE K 77 -7.16 4.35 15.87
C ILE K 77 -5.90 4.92 16.47
N GLN K 78 -5.94 6.22 16.70
CA GLN K 78 -4.92 6.91 17.46
C GLN K 78 -5.51 7.31 18.81
N LEU K 79 -4.90 6.87 19.88
CA LEU K 79 -5.38 7.26 21.19
C LEU K 79 -4.65 8.48 21.71
N GLU K 80 -5.38 9.35 22.39
CA GLU K 80 -4.78 10.49 23.08
C GLU K 80 -5.23 10.47 24.53
N GLU K 81 -4.26 10.33 25.44
CA GLU K 81 -4.57 10.22 26.88
C GLU K 81 -5.31 11.46 27.38
N TYR K 82 -6.43 11.25 28.07
CA TYR K 82 -7.13 12.36 28.68
C TYR K 82 -6.52 12.67 30.04
N SER K 83 -6.04 13.91 30.20
CA SER K 83 -5.65 14.47 31.49
C SER K 83 -4.95 13.48 32.42
N ASN K 84 -3.96 12.75 31.90
CA ASN K 84 -3.11 11.89 32.70
C ASN K 84 -3.89 10.85 33.51
N THR K 85 -5.08 10.49 33.05
CA THR K 85 -5.92 9.54 33.75
C THR K 85 -5.53 8.08 33.53
N ARG K 86 -4.61 7.82 32.57
CA ARG K 86 -4.05 6.45 32.32
C ARG K 86 -5.09 5.43 31.86
N ALA K 87 -6.37 5.78 31.77
CA ALA K 87 -7.40 4.80 31.43
C ALA K 87 -8.35 5.46 30.44
N TYR K 88 -8.35 6.78 30.36
CA TYR K 88 -9.30 7.45 29.48
C TYR K 88 -8.56 8.11 28.34
N TYR K 89 -9.11 7.99 27.16
CA TYR K 89 -8.48 8.43 25.93
C TYR K 89 -9.49 9.05 25.00
N PHE K 90 -9.02 9.96 24.15
CA PHE K 90 -9.81 10.33 23.01
C PHE K 90 -9.48 9.39 21.87
N VAL K 91 -10.50 9.03 21.10
CA VAL K 91 -10.29 8.15 19.95
C VAL K 91 -10.33 8.95 18.67
N LYS K 92 -9.26 8.86 17.92
CA LYS K 92 -9.18 9.45 16.59
C LYS K 92 -8.82 8.38 15.59
N PHE K 93 -9.02 8.67 14.32
CA PHE K 93 -8.74 7.66 13.32
C PHE K 93 -7.50 8.03 12.56
N LYS K 94 -6.74 7.02 12.20
CA LYS K 94 -5.56 7.21 11.39
C LYS K 94 -5.87 7.37 9.93
N ARG K 95 -4.83 7.58 9.15
CA ARG K 95 -5.01 7.61 7.71
C ARG K 95 -5.75 6.37 7.29
N ASN K 96 -6.80 6.51 6.49
CA ASN K 96 -7.45 5.29 5.94
C ASN K 96 -7.96 5.65 4.56
N PRO K 97 -7.39 5.10 3.47
CA PRO K 97 -7.78 5.50 2.12
C PRO K 97 -9.29 5.41 1.88
N LYS K 98 -9.81 4.18 2.08
CA LYS K 98 -11.24 3.87 1.82
C LYS K 98 -12.14 4.64 2.78
N GLU K 99 -13.43 4.71 2.43
CA GLU K 99 -14.36 5.38 3.32
C GLU K 99 -14.52 4.64 4.63
N ASN K 100 -14.41 5.38 5.72
CA ASN K 100 -14.66 4.87 7.06
C ASN K 100 -16.09 5.26 7.46
N PRO K 101 -17.04 4.31 7.59
CA PRO K 101 -18.45 4.55 7.83
C PRO K 101 -18.77 5.17 9.20
N LEU K 102 -17.78 5.21 10.10
CA LEU K 102 -18.00 5.83 11.39
C LEU K 102 -17.76 7.33 11.35
N SER K 103 -17.49 7.86 10.15
CA SER K 103 -17.27 9.28 9.96
C SER K 103 -18.46 10.11 10.48
N GLN K 104 -19.65 9.53 10.40
CA GLN K 104 -20.87 10.20 10.82
C GLN K 104 -20.90 10.49 12.32
N PHE K 105 -20.01 9.87 13.08
CA PHE K 105 -19.96 10.11 14.52
C PHE K 105 -18.82 11.02 14.91
N LEU K 106 -18.13 11.58 13.93
CA LEU K 106 -16.98 12.42 14.24
C LEU K 106 -17.41 13.80 14.70
N GLU K 107 -16.59 14.38 15.56
CA GLU K 107 -16.71 15.78 15.96
C GLU K 107 -15.33 16.41 15.86
N GLY K 108 -15.08 17.13 14.78
CA GLY K 108 -13.73 17.54 14.51
C GLY K 108 -12.91 16.29 14.21
N GLU K 109 -11.82 16.11 14.93
CA GLU K 109 -10.97 14.95 14.74
C GLU K 109 -11.40 13.75 15.58
N ILE K 110 -12.28 13.99 16.55
CA ILE K 110 -12.52 12.99 17.59
C ILE K 110 -13.81 12.22 17.37
N LEU K 111 -13.74 10.92 17.60
CA LEU K 111 -14.93 10.09 17.52
C LEU K 111 -15.81 10.38 18.71
N SER K 112 -17.04 10.79 18.44
CA SER K 112 -17.93 11.19 19.52
C SER K 112 -18.62 10.01 20.14
N ALA K 113 -18.30 9.79 21.41
CA ALA K 113 -18.96 8.79 22.21
C ALA K 113 -20.42 9.15 22.34
N SER K 114 -20.68 10.45 22.46
CA SER K 114 -22.04 10.94 22.63
C SER K 114 -22.90 10.63 21.41
N LYS K 115 -22.35 10.87 20.22
CA LYS K 115 -23.10 10.61 19.01
C LYS K 115 -23.35 9.13 18.81
N MET K 116 -22.31 8.34 19.01
CA MET K 116 -22.45 6.92 18.81
C MET K 116 -23.44 6.34 19.81
N LEU K 117 -23.34 6.76 21.08
CA LEU K 117 -24.27 6.29 22.09
C LEU K 117 -25.69 6.74 21.79
N SER K 118 -25.84 7.99 21.34
CA SER K 118 -27.17 8.50 21.04
C SER K 118 -27.84 7.69 19.96
N LYS K 119 -27.09 7.36 18.91
CA LYS K 119 -27.64 6.60 17.80
C LYS K 119 -27.82 5.13 18.17
N PHE K 120 -26.89 4.59 18.93
CA PHE K 120 -26.99 3.23 19.40
C PHE K 120 -28.32 3.06 20.15
N ARG K 121 -28.58 3.98 21.08
CA ARG K 121 -29.83 3.95 21.83
C ARG K 121 -31.01 4.14 20.88
N LYS K 122 -30.87 5.05 19.92
CA LYS K 122 -31.93 5.30 18.95
C LYS K 122 -32.32 4.06 18.16
N ILE K 123 -31.32 3.37 17.64
CA ILE K 123 -31.57 2.18 16.84
C ILE K 123 -32.26 1.12 17.66
N ILE K 124 -31.76 0.89 18.86
CA ILE K 124 -32.32 -0.13 19.71
C ILE K 124 -33.73 0.22 20.12
N LYS K 125 -33.97 1.46 20.52
CA LYS K 125 -35.30 1.87 20.94
C LYS K 125 -36.35 1.66 19.85
N GLU K 126 -36.01 2.02 18.62
CA GLU K 126 -36.95 1.83 17.52
C GLU K 126 -37.13 0.35 17.23
N GLU K 127 -36.05 -0.41 17.36
CA GLU K 127 -36.03 -1.83 17.09
C GLU K 127 -36.73 -2.69 18.13
N ILE K 128 -36.61 -2.34 19.41
CA ILE K 128 -37.29 -3.13 20.43
C ILE K 128 -38.80 -3.02 20.27
N ASN K 129 -39.27 -1.91 19.73
CA ASN K 129 -40.70 -1.77 19.48
C ASN K 129 -41.18 -2.73 18.39
N ASP K 130 -40.24 -3.38 17.70
CA ASP K 130 -40.51 -4.42 16.72
C ASP K 130 -40.39 -5.83 17.29
N ILE K 131 -40.17 -5.93 18.60
CA ILE K 131 -40.24 -7.21 19.30
C ILE K 131 -41.68 -7.38 19.74
N LYS K 132 -42.35 -8.37 19.16
CA LYS K 132 -43.78 -8.45 19.28
C LYS K 132 -44.26 -9.49 20.30
N ASP K 133 -43.52 -10.60 20.45
CA ASP K 133 -43.99 -11.63 21.37
C ASP K 133 -43.52 -11.33 22.78
N THR K 134 -42.39 -10.65 22.89
CA THR K 134 -41.81 -10.27 24.17
C THR K 134 -41.94 -8.76 24.34
N ASP K 135 -42.31 -8.31 25.53
CA ASP K 135 -42.35 -6.86 25.75
C ASP K 135 -40.98 -6.40 26.17
N VAL K 136 -40.37 -5.54 25.35
CA VAL K 136 -39.09 -4.94 25.67
C VAL K 136 -39.12 -3.42 25.76
N ILE K 137 -38.77 -2.90 26.92
CA ILE K 137 -38.86 -1.47 27.21
C ILE K 137 -37.44 -0.93 27.37
N MET K 138 -37.17 0.25 26.81
CA MET K 138 -35.88 0.88 27.10
C MET K 138 -35.97 1.80 28.29
N LYS K 139 -35.07 1.56 29.24
CA LYS K 139 -35.00 2.33 30.46
C LYS K 139 -34.24 3.64 30.22
N ARG K 140 -34.52 4.63 31.05
CA ARG K 140 -33.86 5.92 30.93
C ARG K 140 -32.36 5.80 31.22
N LYS K 141 -31.57 6.66 30.59
CA LYS K 141 -30.12 6.62 30.69
C LYS K 141 -29.62 6.95 32.10
N ARG K 142 -28.61 6.21 32.55
CA ARG K 142 -27.91 6.50 33.79
C ARG K 142 -26.40 6.64 33.60
N GLY K 143 -25.95 6.55 32.37
CA GLY K 143 -24.53 6.62 32.07
C GLY K 143 -24.23 6.09 30.67
N GLY K 144 -22.95 5.82 30.40
CA GLY K 144 -22.54 5.31 29.09
C GLY K 144 -21.93 3.92 29.16
N SER K 145 -21.70 3.41 30.37
CA SER K 145 -21.08 2.10 30.50
C SER K 145 -22.05 1.05 29.93
N PRO K 146 -23.21 0.81 30.55
CA PRO K 146 -24.36 0.30 29.85
C PRO K 146 -24.88 1.41 28.95
N ALA K 147 -24.70 1.23 27.65
CA ALA K 147 -25.18 2.22 26.69
C ALA K 147 -26.69 2.24 26.80
N VAL K 148 -27.23 1.05 26.93
CA VAL K 148 -28.66 0.78 26.96
C VAL K 148 -28.98 -0.19 28.07
N THR K 149 -30.05 0.09 28.80
CA THR K 149 -30.62 -0.91 29.69
C THR K 149 -31.99 -1.29 29.19
N LEU K 150 -32.17 -2.58 28.94
CA LEU K 150 -33.46 -3.08 28.51
C LEU K 150 -34.18 -3.83 29.60
N LEU K 151 -35.48 -3.60 29.65
CA LEU K 151 -36.36 -4.27 30.59
C LEU K 151 -37.25 -5.22 29.82
N ILE K 152 -37.03 -6.49 30.04
CA ILE K 152 -37.73 -7.55 29.37
C ILE K 152 -38.81 -8.20 30.23
N SER K 153 -40.04 -8.12 29.75
CA SER K 153 -41.20 -8.51 30.55
C SER K 153 -41.09 -8.10 32.02
N GLU K 154 -41.24 -9.02 32.95
CA GLU K 154 -41.21 -8.63 34.36
C GLU K 154 -40.11 -9.38 35.08
N LYS K 155 -39.21 -10.02 34.35
CA LYS K 155 -38.19 -10.83 35.02
C LYS K 155 -36.77 -10.52 34.63
N ILE K 156 -36.58 -10.08 33.39
CA ILE K 156 -35.23 -9.99 32.86
C ILE K 156 -34.74 -8.57 32.64
N SER K 157 -33.51 -8.30 33.07
CA SER K 157 -32.89 -7.04 32.71
C SER K 157 -31.61 -7.33 31.94
N VAL K 158 -31.34 -6.49 30.95
CA VAL K 158 -30.14 -6.63 30.15
C VAL K 158 -29.38 -5.33 30.03
N ASP K 159 -28.17 -5.32 30.55
CA ASP K 159 -27.27 -4.20 30.39
C ASP K 159 -26.46 -4.38 29.12
N ILE K 160 -26.54 -3.42 28.22
CA ILE K 160 -25.85 -3.52 26.96
C ILE K 160 -24.74 -2.48 26.87
N THR K 161 -23.52 -2.98 26.67
CA THR K 161 -22.36 -2.14 26.52
C THR K 161 -21.88 -2.16 25.09
N LEU K 162 -21.67 -0.97 24.54
CA LEU K 162 -21.08 -0.84 23.21
C LEU K 162 -19.58 -0.66 23.37
N ALA K 163 -18.80 -1.42 22.60
CA ALA K 163 -17.35 -1.31 22.67
C ALA K 163 -16.70 -1.26 21.30
N LEU K 164 -15.70 -0.41 21.16
CA LEU K 164 -14.84 -0.41 19.98
C LEU K 164 -13.76 -1.45 20.13
N GLU K 165 -13.46 -2.16 19.05
CA GLU K 165 -12.39 -3.15 19.10
C GLU K 165 -11.16 -2.69 18.33
N SER K 166 -10.01 -2.76 18.97
CA SER K 166 -8.74 -2.43 18.31
C SER K 166 -7.75 -3.58 18.38
N LYS K 167 -7.38 -4.09 17.20
CA LYS K 167 -6.48 -5.28 17.17
C LYS K 167 -5.04 -4.81 17.03
N SER K 168 -4.59 -3.90 17.89
CA SER K 168 -3.21 -3.38 17.75
C SER K 168 -2.52 -3.41 19.11
N SER K 169 -1.20 -3.22 19.12
CA SER K 169 -0.42 -3.24 20.38
C SER K 169 -1.11 -2.42 21.45
N TRP K 170 -1.31 -3.00 22.63
CA TRP K 170 -1.99 -2.34 23.72
C TRP K 170 -1.23 -1.05 24.06
N PRO K 171 -1.89 -0.03 24.58
CA PRO K 171 -1.31 1.25 24.94
C PRO K 171 -0.20 1.05 25.96
N ALA K 172 0.77 1.95 25.98
CA ALA K 172 1.93 1.83 26.84
C ALA K 172 1.56 1.74 28.32
N SER K 173 0.42 2.30 28.69
CA SER K 173 -0.01 2.28 30.08
C SER K 173 -0.32 0.87 30.56
N THR K 174 -0.47 -0.06 29.62
CA THR K 174 -0.72 -1.46 29.96
C THR K 174 0.57 -2.28 29.99
N GLN K 175 1.69 -1.64 29.71
CA GLN K 175 2.95 -2.36 29.55
C GLN K 175 3.30 -3.21 30.76
N GLU K 176 3.05 -2.68 31.95
CA GLU K 176 3.38 -3.36 33.21
C GLU K 176 2.18 -4.05 33.84
N GLY K 177 1.08 -4.13 33.11
CA GLY K 177 -0.14 -4.75 33.63
C GLY K 177 -0.19 -6.25 33.34
N LEU K 178 -1.33 -6.85 33.66
CA LEU K 178 -1.53 -8.28 33.43
C LEU K 178 -0.38 -9.05 34.04
N ARG K 179 -0.22 -8.88 35.34
CA ARG K 179 0.90 -9.43 36.06
C ARG K 179 0.69 -10.88 36.44
N ILE K 180 0.58 -11.71 35.43
CA ILE K 180 0.29 -13.11 35.62
C ILE K 180 1.55 -13.96 35.45
N GLN K 181 2.70 -13.30 35.28
CA GLN K 181 3.90 -14.02 34.88
C GLN K 181 4.27 -15.10 35.87
N ASN K 182 4.08 -14.81 37.16
CA ASN K 182 4.46 -15.74 38.21
C ASN K 182 3.30 -16.66 38.58
N TRP K 183 2.15 -16.41 37.97
CA TRP K 183 0.96 -17.20 38.21
C TRP K 183 0.60 -18.10 37.02
N LEU K 184 0.25 -17.49 35.88
CA LEU K 184 -0.17 -18.29 34.73
C LEU K 184 0.94 -18.45 33.71
N SER K 185 1.99 -17.64 33.86
CA SER K 185 3.26 -17.73 33.12
C SER K 185 3.45 -16.50 32.24
N ALA K 186 4.70 -16.19 31.96
CA ALA K 186 5.02 -15.09 31.05
C ALA K 186 4.56 -15.38 29.63
N LYS K 187 4.60 -16.65 29.22
CA LYS K 187 4.23 -16.99 27.82
C LYS K 187 2.72 -16.82 27.63
N VAL K 188 1.91 -17.12 28.65
CA VAL K 188 0.48 -16.88 28.55
C VAL K 188 0.19 -15.40 28.42
N ARG K 189 0.92 -14.61 29.21
CA ARG K 189 0.76 -13.16 29.16
C ARG K 189 0.97 -12.63 27.76
N LYS K 190 2.01 -13.13 27.11
CA LYS K 190 2.30 -12.71 25.76
C LYS K 190 1.21 -13.11 24.79
N GLN K 191 0.68 -14.32 24.95
CA GLN K 191 -0.38 -14.78 24.07
C GLN K 191 -1.62 -13.92 24.20
N LEU K 192 -1.97 -13.57 25.42
CA LEU K 192 -3.14 -12.75 25.69
C LEU K 192 -3.00 -11.36 25.08
N ARG K 193 -1.79 -10.82 25.13
CA ARG K 193 -1.53 -9.49 24.61
C ARG K 193 -1.50 -9.42 23.08
N LEU K 194 -1.58 -10.58 22.41
CA LEU K 194 -1.76 -10.60 20.96
C LEU K 194 -3.22 -10.45 20.58
N LYS K 195 -4.09 -10.47 21.57
CA LYS K 195 -5.52 -10.29 21.37
C LYS K 195 -5.86 -8.80 21.38
N PRO K 196 -6.96 -8.37 20.78
CA PRO K 196 -7.43 -7.00 20.78
C PRO K 196 -7.80 -6.51 22.16
N PHE K 197 -7.87 -5.19 22.28
CA PHE K 197 -8.40 -4.55 23.46
C PHE K 197 -9.61 -3.73 23.10
N TYR K 198 -10.41 -3.36 24.10
CA TYR K 198 -11.65 -2.68 23.80
C TYR K 198 -11.74 -1.32 24.44
N LEU K 199 -12.58 -0.48 23.85
CA LEU K 199 -12.83 0.88 24.29
C LEU K 199 -14.32 1.11 24.43
N VAL K 200 -14.73 1.57 25.59
CA VAL K 200 -16.15 1.78 25.81
C VAL K 200 -16.42 3.26 25.96
N PRO K 201 -17.53 3.78 25.40
CA PRO K 201 -17.92 5.16 25.51
C PRO K 201 -18.02 5.48 26.98
N LYS K 202 -17.30 6.50 27.41
CA LYS K 202 -17.34 6.86 28.81
C LYS K 202 -16.83 8.27 29.03
N HIS K 203 -17.68 9.15 29.52
CA HIS K 203 -17.22 10.49 29.79
C HIS K 203 -16.24 10.49 30.95
N ALA K 204 -15.17 11.25 30.80
CA ALA K 204 -14.15 11.33 31.83
C ALA K 204 -14.57 12.30 32.91
N LYS K 205 -15.30 11.82 33.89
CA LYS K 205 -15.92 12.73 34.84
C LYS K 205 -14.98 13.12 35.96
N GLU K 206 -15.07 14.38 36.35
CA GLU K 206 -14.33 14.96 37.45
C GLU K 206 -15.27 15.74 38.37
N GLY K 207 -14.75 16.17 39.52
CA GLY K 207 -15.54 16.94 40.47
C GLY K 207 -16.19 18.19 39.88
N ASN K 208 -15.56 18.79 38.86
CA ASN K 208 -16.04 20.06 38.35
C ASN K 208 -16.69 19.95 36.97
N GLY K 209 -17.04 18.73 36.56
CA GLY K 209 -17.65 18.53 35.26
C GLY K 209 -17.14 17.24 34.61
N PHE K 210 -17.16 17.18 33.29
CA PHE K 210 -16.66 15.99 32.63
C PHE K 210 -16.27 16.24 31.19
N GLN K 211 -15.41 15.37 30.67
CA GLN K 211 -15.04 15.41 29.28
C GLN K 211 -15.92 14.46 28.49
N GLU K 212 -16.66 15.00 27.53
CA GLU K 212 -17.80 14.30 26.97
C GLU K 212 -17.41 13.13 26.07
N GLU K 213 -16.34 13.29 25.31
CA GLU K 213 -16.07 12.36 24.21
C GLU K 213 -14.90 11.41 24.47
N THR K 214 -14.69 11.02 25.73
CA THR K 214 -13.61 10.10 26.04
C THR K 214 -14.09 8.66 26.03
N TRP K 215 -13.14 7.76 25.85
CA TRP K 215 -13.37 6.33 25.85
C TRP K 215 -12.45 5.67 26.85
N ARG K 216 -12.94 4.65 27.54
CA ARG K 216 -12.12 3.99 28.54
C ARG K 216 -11.68 2.60 28.10
N LEU K 217 -10.44 2.24 28.42
CA LEU K 217 -9.91 0.92 28.09
C LEU K 217 -10.63 -0.20 28.84
N SER K 218 -10.89 -1.29 28.12
CA SER K 218 -11.57 -2.47 28.66
C SER K 218 -10.88 -3.77 28.29
N PHE K 219 -10.67 -4.62 29.30
CA PHE K 219 -10.05 -5.91 29.08
C PHE K 219 -10.92 -7.04 29.65
N SER K 220 -12.23 -6.85 29.58
CA SER K 220 -13.17 -7.82 30.12
C SER K 220 -13.00 -9.22 29.55
N HIS K 221 -12.61 -9.31 28.28
CA HIS K 221 -12.42 -10.61 27.65
C HIS K 221 -11.25 -11.36 28.24
N ILE K 222 -10.20 -10.64 28.62
CA ILE K 222 -9.03 -11.26 29.22
C ILE K 222 -9.37 -11.73 30.62
N GLU K 223 -10.11 -10.91 31.35
CA GLU K 223 -10.55 -11.25 32.70
C GLU K 223 -11.32 -12.57 32.69
N LYS K 224 -12.20 -12.72 31.70
CA LYS K 224 -12.98 -13.95 31.56
C LYS K 224 -12.05 -15.12 31.27
N GLU K 225 -11.11 -14.92 30.36
CA GLU K 225 -10.21 -15.99 29.97
C GLU K 225 -9.40 -16.47 31.16
N ILE K 226 -8.94 -15.53 31.98
CA ILE K 226 -8.16 -15.89 33.15
C ILE K 226 -8.99 -16.69 34.13
N LEU K 227 -10.21 -16.25 34.39
CA LEU K 227 -11.03 -16.92 35.39
C LEU K 227 -11.33 -18.37 35.00
N ASN K 228 -11.47 -18.61 33.70
CA ASN K 228 -11.79 -19.93 33.19
C ASN K 228 -10.54 -20.70 32.81
N ASN K 229 -9.40 -20.05 32.98
CA ASN K 229 -8.09 -20.66 32.76
C ASN K 229 -7.16 -20.10 33.83
N HIS K 230 -7.56 -20.33 35.07
CA HIS K 230 -6.93 -19.70 36.24
C HIS K 230 -5.72 -20.47 36.74
N GLY K 231 -5.50 -21.67 36.21
CA GLY K 231 -4.36 -22.43 36.68
C GLY K 231 -3.19 -22.23 35.75
N LYS K 232 -1.99 -22.53 36.25
CA LYS K 232 -0.82 -22.76 35.43
C LYS K 232 -0.83 -24.17 34.85
N SER K 233 -1.60 -25.05 35.52
CA SER K 233 -1.95 -26.36 35.00
C SER K 233 -3.05 -26.30 33.94
N GLU K 234 -3.86 -25.24 33.96
CA GLU K 234 -4.93 -24.99 32.98
C GLU K 234 -6.16 -25.89 33.14
N THR K 235 -5.93 -27.20 33.17
CA THR K 235 -7.04 -28.15 33.39
C THR K 235 -7.25 -28.19 34.91
N CYS K 236 -6.75 -27.19 35.64
CA CYS K 236 -7.02 -27.16 37.10
C CYS K 236 -8.55 -27.22 37.16
N CYS K 237 -9.09 -27.94 38.14
CA CYS K 237 -10.56 -28.11 38.28
C CYS K 237 -11.21 -29.06 37.27
N GLU K 238 -10.54 -29.43 36.18
CA GLU K 238 -11.12 -30.44 35.26
C GLU K 238 -10.93 -31.79 35.96
N ASN K 239 -10.15 -31.79 37.05
CA ASN K 239 -9.95 -33.04 37.84
C ASN K 239 -9.95 -32.66 39.33
N LYS K 240 -10.36 -33.58 40.20
CA LYS K 240 -10.41 -33.31 41.67
C LYS K 240 -9.01 -33.11 42.23
N GLU K 241 -8.02 -33.90 41.78
CA GLU K 241 -6.64 -33.81 42.35
C GLU K 241 -6.12 -32.38 42.23
N GLU K 242 -6.79 -31.54 41.46
CA GLU K 242 -6.37 -30.17 41.27
C GLU K 242 -7.54 -29.23 41.45
N LYS K 243 -8.45 -29.59 42.35
CA LYS K 243 -9.59 -28.71 42.60
C LYS K 243 -9.19 -27.65 43.60
N CYS K 244 -9.27 -26.41 43.13
CA CYS K 244 -8.95 -25.21 43.88
C CYS K 244 -10.19 -24.37 44.17
N CYS K 245 -10.02 -23.39 45.05
CA CYS K 245 -11.12 -22.53 45.48
C CYS K 245 -11.03 -21.12 44.94
N ARG K 246 -10.25 -20.90 43.88
CA ARG K 246 -10.13 -19.56 43.34
C ARG K 246 -11.51 -19.04 42.93
N LYS K 247 -12.21 -19.85 42.13
CA LYS K 247 -13.51 -19.46 41.59
C LYS K 247 -14.51 -19.30 42.72
N ASP K 248 -14.42 -20.19 43.70
CA ASP K 248 -15.29 -20.14 44.87
C ASP K 248 -15.06 -18.90 45.69
N CYS K 249 -13.79 -18.54 45.88
CA CYS K 249 -13.43 -17.35 46.62
C CYS K 249 -13.94 -16.10 45.94
N LEU K 250 -13.85 -16.05 44.61
CA LEU K 250 -14.33 -14.88 43.89
C LEU K 250 -15.84 -14.75 44.00
N LYS K 251 -16.55 -15.86 43.87
CA LYS K 251 -18.00 -15.81 44.01
C LYS K 251 -18.38 -15.32 45.39
N LEU K 252 -17.69 -15.81 46.41
CA LEU K 252 -17.97 -15.40 47.77
C LEU K 252 -17.62 -13.93 48.01
N MET K 253 -16.53 -13.46 47.42
CA MET K 253 -16.16 -12.05 47.56
C MET K 253 -17.19 -11.16 46.88
N LYS K 254 -17.61 -11.56 45.69
CA LYS K 254 -18.62 -10.81 44.95
C LYS K 254 -19.92 -10.84 45.70
N TYR K 255 -20.24 -11.99 46.24
CA TYR K 255 -21.46 -12.19 46.99
C TYR K 255 -21.45 -11.38 48.26
N LEU K 256 -20.31 -11.32 48.95
CA LEU K 256 -20.25 -10.51 50.14
C LEU K 256 -20.53 -9.05 49.83
N LEU K 257 -19.87 -8.50 48.81
CA LEU K 257 -20.10 -7.10 48.46
C LEU K 257 -21.51 -6.87 47.97
N GLU K 258 -21.99 -7.75 47.11
CA GLU K 258 -23.33 -7.60 46.55
C GLU K 258 -24.41 -7.70 47.62
N GLN K 259 -24.23 -8.61 48.57
CA GLN K 259 -25.20 -8.77 49.63
C GLN K 259 -25.23 -7.53 50.49
N LEU K 260 -24.05 -6.98 50.78
CA LEU K 260 -24.00 -5.79 51.61
C LEU K 260 -24.57 -4.61 50.86
N LYS K 261 -24.27 -4.50 49.56
CA LYS K 261 -24.83 -3.43 48.76
C LYS K 261 -26.34 -3.53 48.72
N GLU K 262 -26.85 -4.76 48.62
CA GLU K 262 -28.29 -4.97 48.63
C GLU K 262 -28.88 -4.60 50.00
N ARG K 263 -28.22 -5.08 51.06
CA ARG K 263 -28.67 -4.75 52.42
C ARG K 263 -28.79 -3.25 52.62
N PHE K 264 -27.79 -2.50 52.15
CA PHE K 264 -27.73 -1.08 52.41
C PHE K 264 -27.95 -0.22 51.17
N LYS K 265 -28.64 -0.77 50.16
CA LYS K 265 -28.84 -0.05 48.90
C LYS K 265 -29.65 1.21 49.10
N ASP K 266 -30.39 1.26 50.19
CA ASP K 266 -31.27 2.36 50.51
C ASP K 266 -30.51 3.50 51.18
N LYS K 267 -29.46 3.14 51.93
CA LYS K 267 -28.65 4.17 52.58
C LYS K 267 -27.52 4.69 51.69
N LYS K 268 -27.42 4.11 50.49
CA LYS K 268 -26.57 4.61 49.40
C LYS K 268 -25.06 4.59 49.68
N HIS K 269 -24.66 4.10 50.85
CA HIS K 269 -23.26 4.11 51.24
C HIS K 269 -22.37 3.34 50.28
N LEU K 270 -22.92 2.28 49.69
CA LEU K 270 -22.12 1.35 48.92
C LEU K 270 -22.33 1.45 47.41
N ASP K 271 -23.03 2.48 46.96
CA ASP K 271 -23.40 2.55 45.54
C ASP K 271 -22.20 2.56 44.59
N LYS K 272 -21.09 3.13 45.01
CA LYS K 272 -19.95 3.30 44.09
C LYS K 272 -19.07 2.05 43.99
N PHE K 273 -19.36 1.04 44.81
CA PHE K 273 -18.60 -0.20 44.77
C PHE K 273 -19.19 -1.20 43.81
N SER K 274 -18.34 -1.97 43.14
CA SER K 274 -18.84 -2.93 42.17
C SER K 274 -18.05 -4.22 42.21
N SER K 275 -18.59 -5.22 41.53
CA SER K 275 -17.95 -6.52 41.40
C SER K 275 -16.59 -6.40 40.72
N TYR K 276 -16.42 -5.35 39.92
CA TYR K 276 -15.17 -5.16 39.22
C TYR K 276 -14.04 -4.87 40.19
N HIS K 277 -14.37 -4.19 41.29
CA HIS K 277 -13.39 -3.92 42.32
C HIS K 277 -13.01 -5.21 43.00
N VAL K 278 -14.02 -6.02 43.29
CA VAL K 278 -13.82 -7.30 43.90
C VAL K 278 -12.97 -8.20 43.03
N LYS K 279 -13.30 -8.23 41.76
CA LYS K 279 -12.63 -9.06 40.79
C LYS K 279 -11.18 -8.61 40.62
N THR K 280 -10.97 -7.30 40.60
CA THR K 280 -9.61 -6.76 40.50
C THR K 280 -8.79 -7.16 41.73
N ALA K 281 -9.36 -6.97 42.92
CA ALA K 281 -8.70 -7.37 44.16
C ALA K 281 -8.38 -8.85 44.13
N PHE K 282 -9.32 -9.63 43.64
CA PHE K 282 -9.17 -11.07 43.54
C PHE K 282 -7.96 -11.45 42.69
N PHE K 283 -7.82 -10.83 41.53
CA PHE K 283 -6.69 -11.12 40.66
C PHE K 283 -5.39 -10.77 41.34
N HIS K 284 -5.38 -9.68 42.11
CA HIS K 284 -4.19 -9.32 42.87
C HIS K 284 -3.86 -10.36 43.94
N VAL K 285 -4.88 -10.89 44.60
CA VAL K 285 -4.64 -11.93 45.62
C VAL K 285 -4.13 -13.20 44.95
N CYS K 286 -4.64 -13.50 43.76
CA CYS K 286 -4.17 -14.64 42.98
C CYS K 286 -2.72 -14.44 42.55
N THR K 287 -2.38 -13.21 42.19
CA THR K 287 -1.01 -12.86 41.85
C THR K 287 -0.10 -13.03 43.07
N GLN K 288 -0.59 -12.64 44.25
CA GLN K 288 0.17 -12.78 45.49
C GLN K 288 0.29 -14.24 45.91
N ASN K 289 -0.66 -15.05 45.45
CA ASN K 289 -0.72 -16.46 45.79
C ASN K 289 -0.83 -17.30 44.52
N PRO K 290 0.25 -17.42 43.75
CA PRO K 290 0.28 -17.97 42.40
C PRO K 290 0.23 -19.49 42.35
N GLN K 291 0.45 -20.14 43.49
CA GLN K 291 0.50 -21.61 43.49
C GLN K 291 -0.89 -22.16 43.71
N ASP K 292 -1.22 -23.23 43.01
CA ASP K 292 -2.55 -23.82 43.15
C ASP K 292 -2.77 -24.35 44.57
N SER K 293 -1.69 -24.76 45.21
CA SER K 293 -1.75 -25.26 46.58
C SER K 293 -2.11 -24.18 47.59
N GLN K 294 -2.01 -22.91 47.20
CA GLN K 294 -2.46 -21.81 48.06
C GLN K 294 -3.95 -21.55 47.91
N TRP K 295 -4.58 -22.34 47.04
CA TRP K 295 -6.00 -22.23 46.76
C TRP K 295 -6.64 -23.59 46.82
N ASP K 296 -6.08 -24.48 47.63
CA ASP K 296 -6.66 -25.80 47.75
C ASP K 296 -8.10 -25.64 48.18
N ARG K 297 -9.00 -26.40 47.55
CA ARG K 297 -10.40 -26.28 47.89
C ARG K 297 -10.64 -26.45 49.40
N LYS K 298 -9.77 -27.22 50.05
CA LYS K 298 -9.87 -27.50 51.48
C LYS K 298 -9.63 -26.25 52.32
N ASP K 299 -9.00 -25.26 51.73
CA ASP K 299 -8.65 -24.03 52.42
C ASP K 299 -9.58 -22.90 52.05
N LEU K 300 -10.76 -23.22 51.52
CA LEU K 300 -11.71 -22.19 51.13
C LEU K 300 -11.89 -21.17 52.26
N GLY K 301 -12.07 -21.66 53.48
CA GLY K 301 -12.30 -20.80 54.63
C GLY K 301 -11.22 -19.73 54.76
N LEU K 302 -9.96 -20.15 54.81
CA LEU K 302 -8.86 -19.21 54.99
C LEU K 302 -8.52 -18.44 53.73
N CYS K 303 -8.68 -19.07 52.57
CA CYS K 303 -8.44 -18.39 51.31
C CYS K 303 -9.38 -17.23 51.14
N PHE K 304 -10.65 -17.47 51.42
CA PHE K 304 -11.65 -16.42 51.37
C PHE K 304 -11.41 -15.35 52.42
N ASP K 305 -11.08 -15.77 53.63
CA ASP K 305 -10.75 -14.82 54.68
C ASP K 305 -9.59 -13.91 54.28
N ASN K 306 -8.58 -14.51 53.65
CA ASN K 306 -7.40 -13.76 53.22
C ASN K 306 -7.74 -12.84 52.04
N CYS K 307 -8.66 -13.29 51.19
CA CYS K 307 -9.15 -12.46 50.11
C CYS K 307 -9.90 -11.25 50.66
N VAL K 308 -10.74 -11.51 51.65
CA VAL K 308 -11.48 -10.46 52.33
C VAL K 308 -10.52 -9.46 52.95
N THR K 309 -9.49 -9.97 53.61
CA THR K 309 -8.51 -9.12 54.27
C THR K 309 -7.83 -8.20 53.27
N TYR K 310 -7.46 -8.73 52.11
CA TYR K 310 -6.82 -7.92 51.09
C TYR K 310 -7.76 -6.83 50.61
N PHE K 311 -9.02 -7.20 50.36
CA PHE K 311 -10.02 -6.22 49.93
C PHE K 311 -10.20 -5.14 50.98
N LEU K 312 -10.21 -5.53 52.25
CA LEU K 312 -10.31 -4.57 53.34
C LEU K 312 -9.12 -3.64 53.37
N GLN K 313 -7.92 -4.18 53.16
CA GLN K 313 -6.74 -3.35 53.15
C GLN K 313 -6.82 -2.33 52.03
N CYS K 314 -7.28 -2.75 50.86
CA CYS K 314 -7.48 -1.85 49.73
C CYS K 314 -8.49 -0.75 50.04
N LEU K 315 -9.59 -1.10 50.70
CA LEU K 315 -10.59 -0.12 51.07
C LEU K 315 -10.02 0.92 52.04
N ARG K 316 -9.35 0.45 53.08
CA ARG K 316 -8.85 1.32 54.14
C ARG K 316 -7.80 2.30 53.63
N THR K 317 -6.92 1.81 52.77
CA THR K 317 -5.81 2.60 52.23
C THR K 317 -6.22 3.33 50.96
N GLU K 318 -7.46 3.12 50.52
CA GLU K 318 -7.99 3.74 49.30
C GLU K 318 -7.13 3.44 48.08
N LYS K 319 -6.69 2.19 47.96
CA LYS K 319 -5.85 1.79 46.83
C LYS K 319 -6.21 0.42 46.28
N LEU K 320 -6.60 0.41 45.01
CA LEU K 320 -6.84 -0.81 44.26
C LEU K 320 -6.42 -0.61 42.81
N GLU K 321 -5.27 -1.14 42.45
CA GLU K 321 -4.76 -0.92 41.11
C GLU K 321 -5.52 -1.74 40.08
N ASN K 322 -5.89 -1.10 38.98
CA ASN K 322 -6.36 -1.82 37.81
C ASN K 322 -5.35 -2.87 37.44
N TYR K 323 -5.82 -4.08 37.18
CA TYR K 323 -4.93 -5.22 36.97
C TYR K 323 -4.14 -5.08 35.66
N PHE K 324 -4.70 -4.35 34.71
CA PHE K 324 -4.08 -4.14 33.42
C PHE K 324 -3.37 -2.81 33.34
N ILE K 325 -3.79 -1.87 34.18
CA ILE K 325 -3.30 -0.51 34.13
C ILE K 325 -2.90 -0.07 35.53
N PRO K 326 -1.68 -0.38 36.00
CA PRO K 326 -1.28 -0.30 37.39
C PRO K 326 -1.33 1.12 37.95
N GLU K 327 -1.26 2.12 37.09
CA GLU K 327 -1.34 3.50 37.56
C GLU K 327 -2.78 3.99 37.68
N PHE K 328 -3.72 3.13 37.30
CA PHE K 328 -5.14 3.46 37.43
C PHE K 328 -5.68 2.91 38.74
N ASN K 329 -5.92 3.81 39.69
CA ASN K 329 -6.38 3.39 41.02
C ASN K 329 -7.90 3.41 41.06
N LEU K 330 -8.51 2.23 41.06
CA LEU K 330 -9.96 2.09 41.06
C LEU K 330 -10.57 2.59 42.35
N PHE K 331 -9.76 2.62 43.41
CA PHE K 331 -10.22 3.05 44.72
C PHE K 331 -9.69 4.41 45.10
N SER K 332 -9.32 5.21 44.11
CA SER K 332 -8.87 6.56 44.42
C SER K 332 -10.01 7.31 45.09
N SER K 333 -9.69 8.24 45.97
CA SER K 333 -10.68 9.08 46.62
C SER K 333 -11.49 9.88 45.61
N ASN K 334 -10.94 10.06 44.42
CA ASN K 334 -11.62 10.76 43.34
C ASN K 334 -12.73 9.93 42.71
N LEU K 335 -12.64 8.61 42.83
CA LEU K 335 -13.68 7.74 42.31
C LEU K 335 -14.64 7.26 43.39
N ILE K 336 -14.11 7.01 44.60
CA ILE K 336 -14.94 6.52 45.69
C ILE K 336 -14.62 7.24 46.99
N ASP K 337 -15.64 7.83 47.59
CA ASP K 337 -15.45 8.61 48.80
C ASP K 337 -15.16 7.72 50.01
N LYS K 338 -14.40 8.28 50.94
CA LYS K 338 -13.99 7.60 52.15
C LYS K 338 -15.16 7.05 52.96
N ARG K 339 -16.23 7.84 53.07
CA ARG K 339 -17.39 7.41 53.85
C ARG K 339 -17.84 6.02 53.42
N SER K 340 -17.90 5.80 52.11
CA SER K 340 -18.35 4.53 51.59
C SER K 340 -17.39 3.43 51.98
N LYS K 341 -16.09 3.73 51.93
CA LYS K 341 -15.07 2.73 52.29
C LYS K 341 -15.09 2.40 53.77
N GLU K 342 -15.24 3.41 54.63
CA GLU K 342 -15.32 3.15 56.06
C GLU K 342 -16.56 2.35 56.42
N PHE K 343 -17.67 2.65 55.75
CA PHE K 343 -18.91 1.92 55.98
C PHE K 343 -18.77 0.46 55.56
N LEU K 344 -18.25 0.24 54.36
CA LEU K 344 -18.05 -1.11 53.86
C LEU K 344 -17.04 -1.86 54.71
N THR K 345 -15.97 -1.20 55.09
CA THR K 345 -14.98 -1.82 55.96
C THR K 345 -15.68 -2.36 57.20
N LYS K 346 -16.48 -1.53 57.86
CA LYS K 346 -17.13 -1.96 59.09
C LYS K 346 -18.11 -3.09 58.86
N GLN K 347 -18.87 -3.02 57.77
CA GLN K 347 -19.83 -4.07 57.51
C GLN K 347 -19.14 -5.38 57.21
N ILE K 348 -18.07 -5.34 56.42
CA ILE K 348 -17.33 -6.54 56.14
C ILE K 348 -16.70 -7.11 57.40
N GLU K 349 -16.12 -6.24 58.22
CA GLU K 349 -15.48 -6.68 59.44
C GLU K 349 -16.50 -7.30 60.39
N TYR K 350 -17.69 -6.70 60.46
CA TYR K 350 -18.78 -7.29 61.23
C TYR K 350 -19.13 -8.67 60.71
N GLU K 351 -19.32 -8.79 59.40
CA GLU K 351 -19.65 -10.05 58.78
C GLU K 351 -18.60 -11.12 59.05
N ARG K 352 -17.34 -10.76 58.86
CA ARG K 352 -16.25 -11.72 59.00
C ARG K 352 -16.11 -12.23 60.43
N ASN K 353 -16.44 -11.37 61.40
CA ASN K 353 -16.36 -11.76 62.79
C ASN K 353 -17.53 -12.63 63.21
N ASN K 354 -18.53 -12.74 62.35
CA ASN K 354 -19.74 -13.48 62.68
C ASN K 354 -19.99 -14.54 61.61
N GLU K 355 -18.93 -14.94 60.92
CA GLU K 355 -19.01 -15.98 59.90
C GLU K 355 -19.98 -15.64 58.77
N PHE K 356 -20.00 -14.36 58.39
CA PHE K 356 -20.71 -13.87 57.21
C PHE K 356 -22.20 -14.25 57.16
N PRO K 357 -23.00 -13.85 58.15
CA PRO K 357 -24.43 -14.09 58.25
C PRO K 357 -25.23 -13.50 57.09
N VAL K 358 -24.70 -12.45 56.46
CA VAL K 358 -25.42 -11.84 55.36
C VAL K 358 -25.56 -12.80 54.18
N PHE K 359 -24.74 -13.85 54.19
CA PHE K 359 -24.80 -14.85 53.12
C PHE K 359 -26.05 -15.72 53.17
N ASP K 360 -26.70 -15.77 54.35
CA ASP K 360 -27.87 -16.63 54.56
C ASP K 360 -29.18 -15.88 54.63
N GLU K 361 -29.12 -14.61 54.99
CA GLU K 361 -30.29 -13.88 55.45
C GLU K 361 -31.26 -13.43 54.36
N PHE K 362 -30.83 -13.47 53.11
CA PHE K 362 -31.68 -13.06 51.99
C PHE K 362 -31.02 -13.34 50.64
C1 PTD L . 37.38 -15.31 -18.32
C2 PTD L . 36.94 -15.50 -19.78
C3 PTD L . 36.54 -14.16 -20.46
C4 PTD L . 35.32 -14.33 -21.37
C5 PTD L . 34.04 -14.41 -20.53
C1 PTD M . 8.54 1.84 -19.31
C2 PTD M . 8.98 1.81 -17.84
C3 PTD M . 7.91 1.21 -16.91
C4 PTD M . 7.11 2.28 -16.14
C5 PTD M . 7.02 1.91 -14.56
C1 PTD N . 27.41 7.34 -0.49
C2 PTD N . 26.85 6.05 -1.08
C3 PTD N . 28.00 5.17 -1.58
C4 PTD N . 27.47 3.76 -1.93
C5 PTD N . 28.60 2.87 -2.46
C1 PTD O . -21.57 -12.81 -20.64
C2 PTD O . -21.50 -11.71 -19.57
C3 PTD O . -20.04 -11.38 -19.23
C4 PTD O . -19.34 -10.67 -20.40
C5 PTD O . -19.81 -9.22 -20.51
C1 PTD P . -10.17 -18.37 -30.35
C2 PTD P . -11.22 -19.02 -31.24
C3 PTD P . -12.63 -18.68 -30.74
C4 PTD P . -13.00 -17.21 -31.06
C5 PTD P . -14.43 -16.94 -30.61
C1 PTD Q . -1.29 30.48 -5.73
C2 PTD Q . 0.10 30.88 -5.23
C3 PTD Q . 0.11 32.37 -4.84
C4 PTD Q . 1.45 33.03 -5.23
C5 PTD Q . 1.52 33.27 -6.74
C1 PTD R . 23.86 24.50 -18.67
C2 PTD R . 23.56 25.99 -18.75
C3 PTD R . 22.60 26.30 -19.92
C4 PTD R . 21.12 26.03 -19.55
C5 PTD R . 20.63 27.06 -18.52
ZN ZN S . -8.78 -24.39 39.79
C1 PTD T . -7.56 -16.59 22.34
C2 PTD T . -8.26 -17.25 21.14
C3 PTD T . -7.38 -17.18 19.88
C4 PTD T . -7.50 -15.83 19.15
C5 PTD T . -7.02 -15.97 17.71
#